data_6HE1
#
_entry.id   6HE1
#
_cell.length_a   149.948
_cell.length_b   121.841
_cell.length_c   65.281
_cell.angle_alpha   90.000
_cell.angle_beta   113.830
_cell.angle_gamma   90.000
#
_symmetry.space_group_name_H-M   'C 1 2 1'
#
loop_
_entity.id
_entity.type
_entity.pdbx_description
1 polymer 'Serine--tRNA ligase'
2 non-polymer 1,2-ETHANEDIOL
3 non-polymer "5'-O-(N-(L-seryl)-sulfamoyl)N3-methyluridine"
4 non-polymer 'SODIUM ION'
5 water water
#
_entity_poly.entity_id   1
_entity_poly.type   'polypeptide(L)'
_entity_poly.pdbx_seq_one_letter_code
;MLDPKLVRTQPQEVAARLATRGFQLDVARIEALEEQRKSVQTRTEQLQAERNARSKAIGQAKQRGEDIAPLLADVDRMGS
ELEEGKRQLDAIQGELDAMLLGIPNLPHESVPVGADEDANVEVRRWGTPKTFDFEVKDHVALGERHGWLDFETAAKLSGA
RFALMRGPIARLHRALAQFMINLHTAEHGYEEAYTPYLVQAPALQGTGQLPKFEEDLFKIGRDGEADLYLIPTAEVSLTN
IVSGQILDAKQLPLKFVAHTPCFRSEAGASGRDTRGMIRQHQFDKVEMVQIVDPATSYEALEGLTANAERVLQLLELPYR
VLALCTGDMGFGSTKTYDLEVWVPSQDKYREISSCSNCGDFQARRMQARYRNPETGKPELVHTLNGSGLAVGRTLVAVLE
NYQQADGSIRVPEVLKPYMAGIEVIG
;
_entity_poly.pdbx_strand_id   A,B
#
loop_
_chem_comp.id
_chem_comp.type
_chem_comp.name
_chem_comp.formula
EDO non-polymer 1,2-ETHANEDIOL 'C2 H6 O2'
FZT non-polymer 5'-O-(N-(L-seryl)-sulfamoyl)N3-methyluridine 'C13 H20 N4 O10 S'
NA non-polymer 'SODIUM ION' 'Na 1'
#
# COMPACT_ATOMS: atom_id res chain seq x y z
N MET A 1 -20.20 15.42 1.64
CA MET A 1 -21.08 16.36 2.30
C MET A 1 -21.84 17.21 1.29
N LEU A 2 -23.15 17.36 1.49
CA LEU A 2 -23.97 18.23 0.66
C LEU A 2 -23.83 19.66 1.22
N ASP A 3 -24.45 20.65 0.58
CA ASP A 3 -24.37 22.02 1.10
C ASP A 3 -25.22 22.08 2.37
N PRO A 4 -24.58 22.33 3.56
CA PRO A 4 -25.34 22.37 4.83
C PRO A 4 -26.57 23.28 4.84
N LYS A 5 -26.45 24.48 4.22
CA LYS A 5 -27.51 25.48 4.08
C LYS A 5 -28.70 24.92 3.28
N LEU A 6 -28.40 24.07 2.27
CA LEU A 6 -29.40 23.42 1.42
C LEU A 6 -30.18 22.35 2.23
N VAL A 7 -29.47 21.48 2.95
CA VAL A 7 -30.08 20.43 3.78
C VAL A 7 -30.93 21.04 4.92
N ARG A 8 -30.40 22.05 5.61
CA ARG A 8 -31.07 22.71 6.73
C ARG A 8 -32.33 23.49 6.31
N THR A 9 -32.25 24.25 5.18
CA THR A 9 -33.38 25.08 4.73
C THR A 9 -34.34 24.37 3.78
N GLN A 10 -33.86 23.52 2.85
CA GLN A 10 -34.73 22.79 1.89
C GLN A 10 -34.69 21.27 2.16
N PRO A 11 -35.08 20.74 3.37
CA PRO A 11 -34.92 19.30 3.59
C PRO A 11 -35.83 18.41 2.76
N GLN A 12 -36.98 18.95 2.34
CA GLN A 12 -38.00 18.26 1.56
C GLN A 12 -37.55 18.03 0.12
N GLU A 13 -36.97 19.08 -0.52
CA GLU A 13 -36.45 19.00 -1.89
C GLU A 13 -35.20 18.11 -1.94
N VAL A 14 -34.32 18.21 -0.91
CA VAL A 14 -33.12 17.39 -0.79
C VAL A 14 -33.57 15.92 -0.59
N ALA A 15 -34.56 15.68 0.30
CA ALA A 15 -35.08 14.33 0.55
C ALA A 15 -35.64 13.66 -0.72
N ALA A 16 -36.34 14.45 -1.57
CA ALA A 16 -36.95 13.98 -2.82
C ALA A 16 -35.91 13.56 -3.86
N ARG A 17 -34.79 14.30 -3.95
CA ARG A 17 -33.69 13.97 -4.87
C ARG A 17 -32.97 12.74 -4.36
N LEU A 18 -32.81 12.64 -3.02
CA LEU A 18 -32.16 11.50 -2.37
C LEU A 18 -33.00 10.23 -2.40
N ALA A 19 -34.34 10.37 -2.40
CA ALA A 19 -35.29 9.26 -2.45
C ALA A 19 -35.09 8.45 -3.75
N THR A 20 -34.59 9.12 -4.82
CA THR A 20 -34.32 8.47 -6.12
C THR A 20 -33.17 7.44 -6.00
N ARG A 21 -32.30 7.59 -4.99
CA ARG A 21 -31.22 6.68 -4.62
C ARG A 21 -31.71 5.60 -3.63
N GLY A 22 -32.99 5.64 -3.26
CA GLY A 22 -33.59 4.78 -2.24
C GLY A 22 -33.25 5.23 -0.83
N PHE A 23 -32.59 6.41 -0.67
CA PHE A 23 -32.17 6.96 0.64
C PHE A 23 -33.24 7.84 1.26
N GLN A 24 -33.67 7.50 2.48
CA GLN A 24 -34.71 8.25 3.19
C GLN A 24 -34.12 9.27 4.15
N LEU A 25 -34.07 10.56 3.74
CA LEU A 25 -33.55 11.63 4.61
C LEU A 25 -34.40 11.81 5.87
N ASP A 26 -33.74 11.94 7.03
CA ASP A 26 -34.42 12.12 8.32
C ASP A 26 -34.86 13.58 8.52
N VAL A 27 -35.83 14.01 7.69
CA VAL A 27 -36.46 15.35 7.65
C VAL A 27 -37.10 15.71 9.01
N ALA A 28 -37.73 14.72 9.68
CA ALA A 28 -38.35 14.94 10.98
C ALA A 28 -37.30 15.35 12.03
N ARG A 29 -36.11 14.69 12.03
CA ARG A 29 -34.98 14.97 12.92
C ARG A 29 -34.28 16.29 12.55
N ILE A 30 -34.09 16.60 11.25
CA ILE A 30 -33.50 17.88 10.84
C ILE A 30 -34.37 19.03 11.36
N GLU A 31 -35.71 18.96 11.12
CA GLU A 31 -36.68 19.98 11.54
C GLU A 31 -36.78 20.10 13.04
N ALA A 32 -36.73 18.95 13.78
CA ALA A 32 -36.75 18.94 15.25
C ALA A 32 -35.50 19.63 15.78
N LEU A 33 -34.30 19.33 15.22
CA LEU A 33 -33.03 19.96 15.62
C LEU A 33 -33.06 21.45 15.33
N GLU A 34 -33.66 21.83 14.18
CA GLU A 34 -33.81 23.22 13.74
C GLU A 34 -34.82 24.00 14.63
N GLU A 35 -35.89 23.33 15.09
CA GLU A 35 -36.88 23.90 16.01
C GLU A 35 -36.20 24.15 17.37
N GLN A 36 -35.41 23.15 17.88
CA GLN A 36 -34.64 23.25 19.14
C GLN A 36 -33.64 24.40 19.09
N ARG A 37 -32.91 24.52 17.97
CA ARG A 37 -31.93 25.57 17.75
C ARG A 37 -32.59 26.96 17.83
N LYS A 38 -33.69 27.16 17.05
CA LYS A 38 -34.43 28.42 17.00
C LYS A 38 -34.97 28.84 18.36
N SER A 39 -35.44 27.85 19.15
CA SER A 39 -35.97 28.00 20.50
C SER A 39 -34.88 28.45 21.46
N VAL A 40 -33.69 27.79 21.43
CA VAL A 40 -32.53 28.16 22.27
C VAL A 40 -31.99 29.54 21.86
N GLN A 41 -31.85 29.80 20.54
CA GLN A 41 -31.37 31.08 20.01
C GLN A 41 -32.27 32.26 20.46
N THR A 42 -33.62 32.08 20.43
CA THR A 42 -34.58 33.09 20.89
C THR A 42 -34.45 33.30 22.41
N ARG A 43 -34.18 32.22 23.17
CA ARG A 43 -33.97 32.33 24.61
C ARG A 43 -32.65 33.05 24.91
N THR A 44 -31.55 32.76 24.16
CA THR A 44 -30.28 33.46 24.38
C THR A 44 -30.37 34.97 24.02
N GLU A 45 -31.15 35.33 22.99
CA GLU A 45 -31.35 36.71 22.56
C GLU A 45 -32.07 37.54 23.64
N GLN A 46 -33.13 36.96 24.22
CA GLN A 46 -33.97 37.60 25.25
C GLN A 46 -33.19 37.73 26.57
N LEU A 47 -32.33 36.73 26.87
CA LEU A 47 -31.44 36.69 28.03
C LEU A 47 -30.28 37.66 27.85
N GLN A 48 -29.74 37.80 26.62
CA GLN A 48 -28.64 38.73 26.33
C GLN A 48 -29.15 40.14 26.58
N ALA A 49 -30.34 40.48 26.06
CA ALA A 49 -31.04 41.74 26.23
C ALA A 49 -31.29 42.03 27.71
N GLU A 50 -31.74 41.01 28.48
CA GLU A 50 -32.03 41.13 29.90
C GLU A 50 -30.77 41.31 30.73
N ARG A 51 -29.74 40.46 30.51
CA ARG A 51 -28.48 40.55 31.23
C ARG A 51 -27.73 41.85 30.98
N ASN A 52 -27.58 42.27 29.69
CA ASN A 52 -26.92 43.54 29.31
C ASN A 52 -27.50 44.74 30.07
N ALA A 53 -28.86 44.85 30.10
CA ALA A 53 -29.63 45.88 30.79
C ALA A 53 -29.35 45.87 32.31
N ARG A 54 -29.45 44.67 32.94
CA ARG A 54 -29.20 44.45 34.37
C ARG A 54 -27.75 44.79 34.76
N SER A 55 -26.77 44.39 33.91
CA SER A 55 -25.32 44.63 34.10
C SER A 55 -25.00 46.12 34.09
N LYS A 56 -25.63 46.85 33.16
CA LYS A 56 -25.47 48.30 33.10
C LYS A 56 -26.33 49.00 34.18
N ALA A 57 -27.43 48.35 34.66
CA ALA A 57 -28.29 48.91 35.74
C ALA A 57 -27.58 48.92 37.12
N ILE A 58 -26.52 48.12 37.27
CA ILE A 58 -25.67 48.06 38.44
C ILE A 58 -24.93 49.41 38.57
N GLY A 59 -24.41 49.91 37.44
CA GLY A 59 -23.71 51.19 37.36
C GLY A 59 -24.58 52.33 37.88
N GLN A 60 -25.86 52.35 37.44
CA GLN A 60 -26.88 53.33 37.81
C GLN A 60 -27.29 53.19 39.27
N ALA A 61 -27.51 51.95 39.77
CA ALA A 61 -27.86 51.67 41.16
C ALA A 61 -26.76 52.16 42.08
N LYS A 62 -25.47 51.94 41.69
CA LYS A 62 -24.29 52.44 42.43
C LYS A 62 -24.34 53.97 42.54
N GLN A 63 -24.71 54.66 41.44
CA GLN A 63 -24.78 56.13 41.40
C GLN A 63 -25.88 56.64 42.30
N ARG A 64 -26.88 55.77 42.59
CA ARG A 64 -27.99 56.12 43.49
C ARG A 64 -27.73 55.69 44.93
N GLY A 65 -26.60 55.05 45.21
CA GLY A 65 -26.24 54.55 46.54
C GLY A 65 -27.03 53.32 46.96
N GLU A 66 -27.67 52.62 45.97
CA GLU A 66 -28.52 51.44 46.15
C GLU A 66 -27.75 50.12 46.31
N ASP A 67 -28.44 49.08 46.84
CA ASP A 67 -27.90 47.73 47.02
C ASP A 67 -27.80 47.06 45.66
N ILE A 68 -26.60 46.56 45.29
CA ILE A 68 -26.41 45.94 43.97
C ILE A 68 -26.41 44.41 44.03
N ALA A 69 -26.43 43.83 45.26
CA ALA A 69 -26.46 42.38 45.50
C ALA A 69 -27.61 41.70 44.72
N PRO A 70 -28.90 42.15 44.81
CA PRO A 70 -29.95 41.54 43.98
C PRO A 70 -29.65 41.57 42.48
N LEU A 71 -29.06 42.69 41.98
CA LEU A 71 -28.70 42.81 40.56
C LEU A 71 -27.55 41.88 40.12
N LEU A 72 -26.44 41.80 40.92
CA LEU A 72 -25.28 40.93 40.64
C LEU A 72 -25.73 39.47 40.56
N ALA A 73 -26.59 39.05 41.51
CA ALA A 73 -27.12 37.68 41.57
C ALA A 73 -27.94 37.36 40.32
N ASP A 74 -28.72 38.35 39.80
CA ASP A 74 -29.53 38.18 38.59
C ASP A 74 -28.64 38.00 37.37
N VAL A 75 -27.66 38.90 37.20
CA VAL A 75 -26.65 38.90 36.13
C VAL A 75 -25.87 37.58 36.10
N ASP A 76 -25.42 37.08 37.29
CA ASP A 76 -24.68 35.85 37.46
C ASP A 76 -25.51 34.64 37.00
N ARG A 77 -26.81 34.56 37.41
CA ARG A 77 -27.74 33.51 37.01
C ARG A 77 -27.96 33.53 35.51
N MET A 78 -28.17 34.74 34.95
CA MET A 78 -28.40 34.95 33.53
C MET A 78 -27.18 34.54 32.73
N GLY A 79 -25.99 34.91 33.20
CA GLY A 79 -24.72 34.53 32.57
C GLY A 79 -24.55 33.03 32.48
N SER A 80 -24.81 32.31 33.59
CA SER A 80 -24.72 30.87 33.70
C SER A 80 -25.66 30.14 32.71
N GLU A 81 -26.86 30.71 32.48
CA GLU A 81 -27.83 30.12 31.56
C GLU A 81 -27.42 30.33 30.12
N LEU A 82 -26.83 31.52 29.79
CA LEU A 82 -26.31 31.84 28.46
C LEU A 82 -25.17 30.91 28.11
N GLU A 83 -24.34 30.54 29.12
CA GLU A 83 -23.23 29.62 28.91
C GLU A 83 -23.78 28.22 28.56
N GLU A 84 -24.91 27.82 29.18
CA GLU A 84 -25.55 26.54 28.92
C GLU A 84 -26.23 26.60 27.54
N GLY A 85 -26.82 27.76 27.23
CA GLY A 85 -27.46 28.03 25.94
C GLY A 85 -26.48 27.83 24.81
N LYS A 86 -25.20 28.18 25.04
CA LYS A 86 -24.11 28.00 24.09
C LYS A 86 -23.78 26.52 23.96
N ARG A 87 -23.72 25.80 25.10
CA ARG A 87 -23.44 24.36 25.10
C ARG A 87 -24.52 23.59 24.35
N GLN A 88 -25.78 23.99 24.51
CA GLN A 88 -26.94 23.38 23.84
C GLN A 88 -26.83 23.59 22.31
N LEU A 89 -26.59 24.85 21.87
CA LEU A 89 -26.45 25.22 20.46
C LEU A 89 -25.29 24.50 19.79
N ASP A 90 -24.18 24.31 20.55
CA ASP A 90 -22.99 23.59 20.07
C ASP A 90 -23.30 22.10 19.91
N ALA A 91 -24.00 21.50 20.89
CA ALA A 91 -24.35 20.08 20.83
C ALA A 91 -25.41 19.80 19.76
N ILE A 92 -26.29 20.81 19.44
CA ILE A 92 -27.29 20.67 18.36
C ILE A 92 -26.54 20.68 16.99
N GLN A 93 -25.62 21.66 16.80
CA GLN A 93 -24.80 21.79 15.60
C GLN A 93 -23.92 20.55 15.41
N GLY A 94 -23.38 20.02 16.52
CA GLY A 94 -22.58 18.80 16.54
C GLY A 94 -23.34 17.59 16.05
N GLU A 95 -24.62 17.47 16.44
CA GLU A 95 -25.50 16.37 16.03
C GLU A 95 -25.88 16.52 14.55
N LEU A 96 -26.11 17.75 14.11
CA LEU A 96 -26.48 18.02 12.73
C LEU A 96 -25.30 17.66 11.79
N ASP A 97 -24.05 18.06 12.14
CA ASP A 97 -22.83 17.76 11.38
C ASP A 97 -22.57 16.26 11.22
N ALA A 98 -22.77 15.49 12.30
CA ALA A 98 -22.58 14.03 12.36
C ALA A 98 -23.54 13.35 11.38
N MET A 99 -24.79 13.84 11.33
CA MET A 99 -25.85 13.39 10.42
C MET A 99 -25.48 13.72 8.97
N LEU A 100 -25.05 15.00 8.71
CA LEU A 100 -24.72 15.45 7.34
C LEU A 100 -23.53 14.68 6.74
N LEU A 101 -22.64 14.14 7.61
CA LEU A 101 -21.52 13.28 7.19
C LEU A 101 -21.98 11.88 6.70
N GLY A 102 -23.21 11.48 6.97
CA GLY A 102 -23.74 10.19 6.51
C GLY A 102 -24.72 10.25 5.34
N ILE A 103 -24.83 11.40 4.66
CA ILE A 103 -25.76 11.58 3.54
C ILE A 103 -25.07 11.32 2.20
N PRO A 104 -25.62 10.46 1.30
CA PRO A 104 -24.97 10.28 -0.01
C PRO A 104 -25.14 11.51 -0.89
N ASN A 105 -24.40 11.58 -1.99
CA ASN A 105 -24.42 12.72 -2.90
C ASN A 105 -25.75 12.86 -3.67
N LEU A 106 -26.02 14.06 -4.22
CA LEU A 106 -27.25 14.25 -5.01
C LEU A 106 -26.99 13.82 -6.49
N PRO A 107 -27.80 12.89 -7.08
CA PRO A 107 -27.57 12.51 -8.47
C PRO A 107 -27.81 13.71 -9.38
N HIS A 108 -27.02 13.81 -10.45
CA HIS A 108 -27.16 14.85 -11.45
C HIS A 108 -28.51 14.63 -12.15
N GLU A 109 -29.10 15.72 -12.69
CA GLU A 109 -30.37 15.69 -13.42
C GLU A 109 -30.38 14.69 -14.57
N SER A 110 -29.21 14.42 -15.20
CA SER A 110 -29.08 13.54 -16.37
C SER A 110 -29.07 12.04 -16.07
N VAL A 111 -28.95 11.67 -14.78
CA VAL A 111 -28.90 10.27 -14.37
C VAL A 111 -30.29 9.66 -14.53
N PRO A 112 -30.44 8.50 -15.20
CA PRO A 112 -31.77 7.88 -15.26
C PRO A 112 -32.29 7.51 -13.87
N VAL A 113 -33.56 7.86 -13.57
CA VAL A 113 -34.16 7.56 -12.28
C VAL A 113 -34.54 6.10 -12.24
N GLY A 114 -33.89 5.36 -11.38
CA GLY A 114 -34.16 3.94 -11.24
C GLY A 114 -34.02 3.50 -9.81
N ALA A 115 -34.86 2.53 -9.42
CA ALA A 115 -34.88 1.96 -8.07
C ALA A 115 -33.76 0.94 -7.86
N ASP A 116 -33.25 0.31 -8.95
CA ASP A 116 -32.22 -0.74 -8.88
C ASP A 116 -31.38 -0.91 -10.16
N GLU A 117 -30.42 -1.86 -10.10
CA GLU A 117 -29.49 -2.33 -11.14
C GLU A 117 -30.12 -2.49 -12.55
N ASP A 118 -31.39 -2.92 -12.63
CA ASP A 118 -32.07 -3.12 -13.91
C ASP A 118 -32.39 -1.80 -14.65
N ALA A 119 -32.32 -0.65 -13.96
CA ALA A 119 -32.59 0.63 -14.60
C ALA A 119 -31.32 1.31 -15.18
N ASN A 120 -30.18 0.58 -15.14
CA ASN A 120 -28.91 1.03 -15.70
C ASN A 120 -28.99 0.88 -17.22
N VAL A 121 -28.52 1.90 -17.96
CA VAL A 121 -28.59 1.87 -19.41
C VAL A 121 -27.25 1.59 -20.05
N GLU A 122 -27.29 0.83 -21.16
CA GLU A 122 -26.10 0.61 -21.95
C GLU A 122 -25.94 1.89 -22.77
N VAL A 123 -24.77 2.52 -22.68
CA VAL A 123 -24.51 3.73 -23.48
C VAL A 123 -24.00 3.32 -24.88
N ARG A 124 -23.07 2.38 -24.91
CA ARG A 124 -22.42 1.87 -26.11
C ARG A 124 -21.61 0.63 -25.73
N ARG A 125 -21.24 -0.14 -26.72
CA ARG A 125 -20.35 -1.27 -26.56
C ARG A 125 -19.29 -1.18 -27.66
N TRP A 126 -18.14 -1.79 -27.43
CA TRP A 126 -17.02 -1.78 -28.35
C TRP A 126 -16.52 -3.19 -28.56
N GLY A 127 -16.26 -3.52 -29.81
CA GLY A 127 -15.72 -4.84 -30.17
C GLY A 127 -16.68 -6.00 -30.04
N THR A 128 -16.29 -7.13 -30.61
CA THR A 128 -17.13 -8.31 -30.66
C THR A 128 -16.57 -9.47 -29.88
N PRO A 129 -17.32 -9.96 -28.86
CA PRO A 129 -16.92 -11.19 -28.16
C PRO A 129 -16.66 -12.33 -29.15
N LYS A 130 -15.44 -12.91 -29.05
CA LYS A 130 -14.94 -13.97 -29.92
C LYS A 130 -15.79 -15.24 -29.78
N THR A 131 -16.06 -15.92 -30.91
CA THR A 131 -16.75 -17.19 -30.90
C THR A 131 -15.64 -18.23 -30.96
N PHE A 132 -15.48 -19.01 -29.89
CA PHE A 132 -14.42 -20.00 -29.81
C PHE A 132 -14.84 -21.33 -30.44
N ASP A 133 -13.88 -22.04 -31.09
CA ASP A 133 -14.11 -23.33 -31.76
C ASP A 133 -13.87 -24.55 -30.84
N PHE A 134 -13.58 -24.29 -29.56
CA PHE A 134 -13.28 -25.26 -28.49
C PHE A 134 -13.94 -24.75 -27.18
N GLU A 135 -14.04 -25.63 -26.16
CA GLU A 135 -14.62 -25.32 -24.85
C GLU A 135 -13.74 -24.35 -24.06
N VAL A 136 -14.26 -23.14 -23.81
CA VAL A 136 -13.52 -22.11 -23.09
C VAL A 136 -13.24 -22.50 -21.64
N LYS A 137 -12.04 -22.17 -21.15
CA LYS A 137 -11.59 -22.38 -19.77
C LYS A 137 -11.62 -21.03 -19.08
N ASP A 138 -11.80 -21.02 -17.75
CA ASP A 138 -11.75 -19.78 -17.00
C ASP A 138 -10.28 -19.46 -16.68
N HIS A 139 -10.00 -18.26 -16.11
CA HIS A 139 -8.65 -17.79 -15.80
C HIS A 139 -7.95 -18.65 -14.73
N VAL A 140 -8.73 -19.26 -13.82
CA VAL A 140 -8.23 -20.15 -12.77
C VAL A 140 -7.69 -21.41 -13.46
N ALA A 141 -8.49 -22.11 -14.31
CA ALA A 141 -8.04 -23.30 -15.04
C ALA A 141 -6.81 -22.97 -15.92
N LEU A 142 -6.88 -21.83 -16.65
CA LEU A 142 -5.80 -21.36 -17.53
C LEU A 142 -4.51 -21.09 -16.78
N GLY A 143 -4.58 -20.27 -15.73
CA GLY A 143 -3.42 -19.85 -14.96
C GLY A 143 -2.78 -20.88 -14.03
N GLU A 144 -3.57 -21.85 -13.56
CA GLU A 144 -3.07 -22.87 -12.64
C GLU A 144 -2.20 -23.94 -13.32
N ARG A 145 -2.43 -24.24 -14.63
CA ARG A 145 -1.75 -25.26 -15.44
C ARG A 145 -0.26 -25.49 -15.08
N HIS A 146 0.56 -24.42 -15.10
CA HIS A 146 2.00 -24.54 -14.81
C HIS A 146 2.39 -23.95 -13.45
N GLY A 147 1.37 -23.58 -12.66
CA GLY A 147 1.50 -22.99 -11.33
C GLY A 147 1.77 -21.50 -11.36
N TRP A 148 1.61 -20.87 -12.55
CA TRP A 148 1.87 -19.43 -12.74
C TRP A 148 0.80 -18.52 -12.08
N LEU A 149 -0.37 -19.08 -11.76
CA LEU A 149 -1.44 -18.41 -11.02
C LEU A 149 -1.80 -19.43 -9.93
N ASP A 150 -1.41 -19.12 -8.70
CA ASP A 150 -1.46 -20.01 -7.55
C ASP A 150 -2.21 -19.42 -6.36
N PHE A 151 -3.46 -19.90 -6.15
CA PHE A 151 -4.36 -19.45 -5.08
C PHE A 151 -4.11 -20.23 -3.81
N GLU A 152 -3.67 -21.49 -3.94
CA GLU A 152 -3.36 -22.40 -2.81
C GLU A 152 -2.19 -21.87 -2.01
N THR A 153 -1.07 -21.52 -2.68
CA THR A 153 0.11 -20.99 -1.98
C THR A 153 -0.24 -19.65 -1.32
N ALA A 154 -1.06 -18.82 -1.99
CA ALA A 154 -1.52 -17.54 -1.45
C ALA A 154 -2.41 -17.78 -0.20
N ALA A 155 -3.28 -18.82 -0.22
CA ALA A 155 -4.15 -19.20 0.90
C ALA A 155 -3.27 -19.67 2.07
N LYS A 156 -2.20 -20.44 1.77
CA LYS A 156 -1.22 -20.92 2.78
C LYS A 156 -0.53 -19.71 3.50
N LEU A 157 -0.25 -18.63 2.76
CA LEU A 157 0.40 -17.46 3.33
C LEU A 157 -0.56 -16.54 4.08
N SER A 158 -1.72 -16.26 3.47
CA SER A 158 -2.62 -15.18 3.86
C SER A 158 -4.09 -15.50 4.07
N GLY A 159 -4.49 -16.73 3.74
CA GLY A 159 -5.88 -17.12 3.81
C GLY A 159 -6.54 -16.79 2.47
N ALA A 160 -7.85 -16.93 2.41
CA ALA A 160 -8.70 -16.75 1.24
C ALA A 160 -8.63 -15.34 0.66
N ARG A 161 -8.96 -15.21 -0.64
CA ARG A 161 -9.10 -13.94 -1.37
C ARG A 161 -7.75 -13.21 -1.58
N PHE A 162 -6.66 -13.99 -1.72
CA PHE A 162 -5.31 -13.51 -2.05
C PHE A 162 -4.77 -14.34 -3.24
N ALA A 163 -3.83 -13.77 -3.98
CA ALA A 163 -3.28 -14.47 -5.15
C ALA A 163 -1.76 -14.41 -5.18
N LEU A 164 -1.18 -15.42 -5.81
CA LEU A 164 0.24 -15.46 -6.09
C LEU A 164 0.36 -15.73 -7.58
N MET A 165 1.17 -14.91 -8.25
CA MET A 165 1.49 -15.03 -9.67
C MET A 165 2.98 -15.24 -9.80
N ARG A 166 3.38 -16.02 -10.80
CA ARG A 166 4.78 -16.38 -11.03
C ARG A 166 5.06 -16.35 -12.52
N GLY A 167 6.34 -16.21 -12.86
CA GLY A 167 6.84 -16.23 -14.24
C GLY A 167 6.09 -15.37 -15.25
N PRO A 168 5.69 -15.94 -16.41
CA PRO A 168 5.04 -15.12 -17.46
C PRO A 168 3.68 -14.51 -17.10
N ILE A 169 2.93 -15.10 -16.14
CA ILE A 169 1.65 -14.51 -15.71
C ILE A 169 1.94 -13.30 -14.81
N ALA A 170 2.95 -13.42 -13.91
CA ALA A 170 3.36 -12.29 -13.07
C ALA A 170 3.89 -11.16 -14.00
N ARG A 171 4.73 -11.52 -15.04
CA ARG A 171 5.22 -10.50 -15.99
C ARG A 171 4.08 -9.87 -16.76
N LEU A 172 3.05 -10.66 -17.14
CA LEU A 172 1.90 -10.14 -17.91
C LEU A 172 1.11 -9.14 -17.06
N HIS A 173 0.92 -9.45 -15.76
CA HIS A 173 0.28 -8.57 -14.78
C HIS A 173 1.04 -7.19 -14.68
N ARG A 174 2.38 -7.21 -14.56
CA ARG A 174 3.23 -6.01 -14.46
C ARG A 174 3.18 -5.23 -15.78
N ALA A 175 3.19 -5.95 -16.92
CA ALA A 175 3.11 -5.42 -18.28
C ALA A 175 1.81 -4.61 -18.40
N LEU A 176 0.71 -5.18 -17.88
CA LEU A 176 -0.61 -4.51 -17.90
C LEU A 176 -0.60 -3.20 -17.16
N ALA A 177 -0.01 -3.18 -15.96
CA ALA A 177 0.02 -1.98 -15.13
C ALA A 177 0.94 -0.92 -15.72
N GLN A 178 2.13 -1.31 -16.24
CA GLN A 178 3.10 -0.43 -16.86
C GLN A 178 2.52 0.17 -18.14
N PHE A 179 1.83 -0.66 -18.95
CA PHE A 179 1.16 -0.16 -20.15
C PHE A 179 0.12 0.91 -19.84
N MET A 180 -0.71 0.71 -18.77
CA MET A 180 -1.74 1.68 -18.35
C MET A 180 -1.16 3.03 -17.90
N ILE A 181 -0.15 3.05 -17.00
CA ILE A 181 0.52 4.27 -16.49
C ILE A 181 1.18 5.04 -17.64
N ASN A 182 1.95 4.33 -18.51
CA ASN A 182 2.63 4.93 -19.66
C ASN A 182 1.62 5.58 -20.60
N LEU A 183 0.49 4.93 -20.84
CA LEU A 183 -0.58 5.45 -21.69
C LEU A 183 -1.18 6.74 -21.13
N HIS A 184 -1.58 6.72 -19.84
CA HIS A 184 -2.22 7.90 -19.24
C HIS A 184 -1.26 9.10 -19.14
N THR A 185 0.04 8.88 -18.83
CA THR A 185 1.05 9.93 -18.73
C THR A 185 1.45 10.46 -20.09
N ALA A 186 1.53 9.58 -21.13
CA ALA A 186 1.92 10.02 -22.46
C ALA A 186 0.78 10.55 -23.33
N GLU A 187 -0.45 10.07 -23.16
CA GLU A 187 -1.50 10.48 -24.10
C GLU A 187 -2.70 11.18 -23.49
N HIS A 188 -2.93 11.01 -22.19
CA HIS A 188 -4.15 11.53 -21.56
C HIS A 188 -3.93 12.69 -20.57
N GLY A 189 -2.70 13.20 -20.49
CA GLY A 189 -2.37 14.38 -19.69
C GLY A 189 -2.34 14.26 -18.19
N TYR A 190 -2.29 13.02 -17.66
CA TYR A 190 -2.20 12.75 -16.21
C TYR A 190 -0.72 12.80 -15.73
N GLU A 191 -0.51 13.40 -14.57
CA GLU A 191 0.75 13.48 -13.85
C GLU A 191 0.80 12.23 -12.95
N GLU A 192 1.90 11.49 -13.07
CA GLU A 192 2.18 10.30 -12.29
C GLU A 192 2.47 10.65 -10.83
N ALA A 193 2.05 9.76 -9.89
CA ALA A 193 2.30 9.93 -8.48
C ALA A 193 2.50 8.61 -7.76
N TYR A 194 3.41 8.61 -6.76
CA TYR A 194 3.65 7.48 -5.86
C TYR A 194 3.08 7.99 -4.54
N THR A 195 2.15 7.24 -3.93
CA THR A 195 1.52 7.72 -2.69
C THR A 195 1.65 6.75 -1.51
N PRO A 196 1.42 7.21 -0.25
CA PRO A 196 1.34 6.26 0.88
C PRO A 196 0.20 5.27 0.64
N TYR A 197 0.31 4.04 1.17
CA TYR A 197 -0.76 3.03 1.04
C TYR A 197 -1.50 2.88 2.37
N LEU A 198 -1.07 3.66 3.37
CA LEU A 198 -1.59 3.73 4.73
C LEU A 198 -1.89 5.20 4.99
N VAL A 199 -3.15 5.52 5.32
CA VAL A 199 -3.60 6.88 5.58
C VAL A 199 -4.27 6.94 6.95
N GLN A 200 -4.33 8.14 7.52
CA GLN A 200 -5.06 8.34 8.75
C GLN A 200 -6.52 8.63 8.39
N ALA A 201 -7.42 8.61 9.39
CA ALA A 201 -8.86 8.81 9.23
C ALA A 201 -9.22 10.09 8.44
N PRO A 202 -8.67 11.31 8.73
CA PRO A 202 -9.08 12.51 7.95
C PRO A 202 -9.09 12.34 6.41
N ALA A 203 -8.10 11.63 5.84
CA ALA A 203 -8.06 11.38 4.37
C ALA A 203 -9.27 10.59 3.87
N LEU A 204 -9.67 9.55 4.61
CA LEU A 204 -10.83 8.73 4.23
C LEU A 204 -12.15 9.47 4.40
N GLN A 205 -12.23 10.37 5.37
CA GLN A 205 -13.40 11.23 5.56
C GLN A 205 -13.48 12.27 4.42
N GLY A 206 -12.34 12.74 3.93
CA GLY A 206 -12.29 13.66 2.79
C GLY A 206 -12.92 13.06 1.56
N THR A 207 -12.70 11.75 1.31
CA THR A 207 -13.24 11.12 0.10
C THR A 207 -14.61 10.39 0.33
N GLY A 208 -15.04 10.21 1.58
CA GLY A 208 -16.36 9.65 1.86
C GLY A 208 -16.44 8.25 2.41
N GLN A 209 -15.29 7.57 2.52
CA GLN A 209 -15.26 6.19 3.09
C GLN A 209 -15.54 6.25 4.58
N LEU A 210 -15.17 7.36 5.23
CA LEU A 210 -15.43 7.60 6.64
C LEU A 210 -16.40 8.76 6.75
N PRO A 211 -17.32 8.76 7.75
CA PRO A 211 -17.44 7.81 8.88
C PRO A 211 -18.17 6.48 8.64
N LYS A 212 -19.02 6.42 7.62
CA LYS A 212 -19.95 5.32 7.37
C LYS A 212 -19.41 3.96 6.94
N PHE A 213 -18.30 3.89 6.18
CA PHE A 213 -17.87 2.61 5.61
C PHE A 213 -16.55 2.10 6.20
N GLU A 214 -16.36 2.34 7.52
CA GLU A 214 -15.18 1.87 8.26
C GLU A 214 -15.04 0.34 8.26
N GLU A 215 -16.13 -0.42 8.38
CA GLU A 215 -16.11 -1.90 8.42
C GLU A 215 -15.55 -2.57 7.16
N ASP A 216 -15.49 -1.82 6.03
CA ASP A 216 -14.97 -2.27 4.73
C ASP A 216 -13.45 -2.03 4.60
N LEU A 217 -12.83 -1.45 5.64
CA LEU A 217 -11.40 -1.12 5.60
C LEU A 217 -10.53 -1.98 6.51
N PHE A 218 -9.24 -2.17 6.16
CA PHE A 218 -8.30 -2.85 7.06
C PHE A 218 -7.68 -1.75 7.87
N LYS A 219 -7.75 -1.89 9.18
CA LYS A 219 -7.27 -0.90 10.13
C LYS A 219 -6.07 -1.41 10.94
N ILE A 220 -5.10 -0.54 11.17
CA ILE A 220 -3.94 -0.80 12.01
C ILE A 220 -4.14 0.06 13.28
N GLY A 221 -4.53 -0.60 14.35
CA GLY A 221 -4.74 0.05 15.64
C GLY A 221 -3.41 0.29 16.30
N ARG A 222 -3.10 1.55 16.66
CA ARG A 222 -1.79 1.87 17.25
C ARG A 222 -1.89 2.54 18.62
N ASP A 223 -1.07 2.08 19.58
CA ASP A 223 -1.01 2.57 20.97
C ASP A 223 -0.45 3.99 21.03
N GLY A 224 -1.28 4.93 21.49
CA GLY A 224 -0.91 6.34 21.63
C GLY A 224 -0.53 7.05 20.33
N GLU A 225 -0.96 6.46 19.20
CA GLU A 225 -0.74 6.96 17.85
C GLU A 225 -2.08 6.98 17.14
N ALA A 226 -2.21 7.84 16.12
CA ALA A 226 -3.41 7.91 15.28
C ALA A 226 -3.43 6.62 14.48
N ASP A 227 -4.59 5.99 14.40
CA ASP A 227 -4.69 4.75 13.65
C ASP A 227 -4.47 4.97 12.15
N LEU A 228 -4.02 3.90 11.47
CA LEU A 228 -3.74 3.87 10.05
C LEU A 228 -4.70 2.89 9.36
N TYR A 229 -5.09 3.22 8.15
CA TYR A 229 -5.96 2.37 7.37
C TYR A 229 -5.25 2.09 6.07
N LEU A 230 -5.41 0.86 5.55
CA LEU A 230 -4.88 0.51 4.23
C LEU A 230 -5.83 1.14 3.20
N ILE A 231 -5.27 1.83 2.20
CA ILE A 231 -6.11 2.48 1.19
C ILE A 231 -6.97 1.47 0.41
N PRO A 232 -8.31 1.71 0.27
CA PRO A 232 -9.12 0.80 -0.58
C PRO A 232 -8.95 1.08 -2.09
N THR A 233 -8.35 2.25 -2.41
CA THR A 233 -8.14 2.78 -3.77
C THR A 233 -7.20 4.00 -3.70
N ALA A 234 -6.40 4.28 -4.75
CA ALA A 234 -5.50 5.45 -4.76
C ALA A 234 -6.30 6.74 -4.84
N GLU A 235 -7.62 6.65 -5.05
CA GLU A 235 -8.53 7.79 -5.03
C GLU A 235 -8.39 8.53 -3.70
N VAL A 236 -8.32 7.79 -2.56
CA VAL A 236 -8.20 8.37 -1.20
C VAL A 236 -6.95 9.25 -1.09
N SER A 237 -5.77 8.72 -1.46
CA SER A 237 -4.49 9.45 -1.36
C SER A 237 -4.36 10.57 -2.42
N LEU A 238 -4.69 10.28 -3.70
CA LEU A 238 -4.61 11.25 -4.79
C LEU A 238 -5.54 12.44 -4.63
N THR A 239 -6.82 12.20 -4.29
CA THR A 239 -7.81 13.28 -4.16
C THR A 239 -7.41 14.27 -3.03
N ASN A 240 -6.90 13.74 -1.92
CA ASN A 240 -6.51 14.51 -0.74
C ASN A 240 -5.20 15.29 -0.89
N ILE A 241 -4.53 15.21 -2.05
CA ILE A 241 -3.32 16.03 -2.30
C ILE A 241 -3.71 17.52 -2.18
N VAL A 242 -4.94 17.86 -2.61
CA VAL A 242 -5.46 19.23 -2.63
C VAL A 242 -6.32 19.64 -1.42
N SER A 243 -6.44 18.78 -0.38
CA SER A 243 -7.24 19.16 0.80
C SER A 243 -6.65 20.36 1.51
N GLY A 244 -7.54 21.23 1.99
CA GLY A 244 -7.22 22.45 2.74
C GLY A 244 -6.44 23.47 1.94
N GLN A 245 -6.64 23.52 0.63
CA GLN A 245 -5.92 24.43 -0.26
C GLN A 245 -6.85 25.31 -1.10
N ILE A 246 -6.39 26.51 -1.43
CA ILE A 246 -7.07 27.45 -2.32
C ILE A 246 -6.18 27.50 -3.56
N LEU A 247 -6.51 26.69 -4.59
CA LEU A 247 -5.73 26.62 -5.84
C LEU A 247 -5.98 27.82 -6.76
N ASP A 248 -5.04 28.10 -7.66
CA ASP A 248 -5.24 29.16 -8.63
C ASP A 248 -6.03 28.54 -9.77
N ALA A 249 -6.91 29.32 -10.43
CA ALA A 249 -7.72 28.84 -11.54
C ALA A 249 -6.83 28.26 -12.65
N LYS A 250 -5.63 28.86 -12.85
CA LYS A 250 -4.58 28.49 -13.82
C LYS A 250 -4.04 27.07 -13.63
N GLN A 251 -4.08 26.54 -12.38
CA GLN A 251 -3.63 25.20 -11.99
C GLN A 251 -4.65 24.10 -12.36
N LEU A 252 -5.88 24.50 -12.72
CA LEU A 252 -6.95 23.56 -13.09
C LEU A 252 -7.00 23.24 -14.59
N PRO A 253 -7.23 21.97 -14.98
CA PRO A 253 -7.42 20.78 -14.12
C PRO A 253 -6.12 20.13 -13.64
N LEU A 254 -6.15 19.59 -12.42
CA LEU A 254 -5.03 18.81 -11.90
C LEU A 254 -5.43 17.36 -12.18
N LYS A 255 -4.63 16.64 -12.97
CA LYS A 255 -4.92 15.26 -13.35
C LYS A 255 -3.83 14.36 -12.82
N PHE A 256 -4.20 13.39 -11.94
CA PHE A 256 -3.25 12.46 -11.31
C PHE A 256 -3.50 11.02 -11.70
N VAL A 257 -2.41 10.25 -11.82
CA VAL A 257 -2.48 8.80 -12.09
C VAL A 257 -1.56 8.09 -11.12
N ALA A 258 -2.03 6.98 -10.54
CA ALA A 258 -1.24 6.17 -9.62
C ALA A 258 -1.54 4.69 -9.83
N HIS A 259 -0.52 3.87 -9.70
CA HIS A 259 -0.62 2.41 -9.74
C HIS A 259 -0.30 1.98 -8.32
N THR A 260 -1.29 1.41 -7.65
CA THR A 260 -1.08 1.01 -6.29
C THR A 260 -1.81 -0.28 -5.96
N PRO A 261 -1.40 -0.99 -4.88
CA PRO A 261 -2.26 -2.06 -4.38
C PRO A 261 -3.48 -1.36 -3.70
N CYS A 262 -4.62 -2.07 -3.63
CA CYS A 262 -5.90 -1.63 -3.07
C CYS A 262 -6.35 -2.70 -2.12
N PHE A 263 -6.69 -2.30 -0.88
CA PHE A 263 -7.01 -3.31 0.16
C PHE A 263 -8.41 -3.15 0.69
N ARG A 264 -9.20 -4.22 0.62
CA ARG A 264 -10.59 -4.18 1.03
C ARG A 264 -10.97 -5.38 1.82
N SER A 265 -11.71 -5.11 2.90
CA SER A 265 -12.22 -6.09 3.86
C SER A 265 -13.73 -6.03 3.75
N GLU A 266 -14.27 -6.42 2.58
CA GLU A 266 -15.72 -6.38 2.30
C GLU A 266 -16.34 -7.76 2.20
N ASP A 273 -19.08 -15.72 -11.24
CA ASP A 273 -18.58 -15.88 -9.89
C ASP A 273 -17.59 -14.78 -9.53
N THR A 274 -17.27 -14.70 -8.22
CA THR A 274 -16.33 -13.79 -7.58
C THR A 274 -14.95 -14.50 -7.45
N ARG A 275 -14.89 -15.76 -7.95
CA ARG A 275 -13.77 -16.71 -7.95
C ARG A 275 -12.47 -16.17 -8.53
N GLY A 276 -11.37 -16.75 -8.06
CA GLY A 276 -10.02 -16.39 -8.48
C GLY A 276 -9.74 -14.95 -8.15
N MET A 277 -9.34 -14.17 -9.17
CA MET A 277 -8.94 -12.77 -9.06
C MET A 277 -10.06 -11.73 -9.18
N ILE A 278 -11.32 -12.15 -9.41
CA ILE A 278 -12.43 -11.21 -9.55
C ILE A 278 -12.62 -10.40 -8.27
N ARG A 279 -12.76 -11.09 -7.11
CA ARG A 279 -12.85 -10.48 -5.79
C ARG A 279 -11.59 -10.87 -4.97
N GLN A 280 -10.84 -9.84 -4.48
CA GLN A 280 -9.62 -10.05 -3.70
C GLN A 280 -9.52 -9.05 -2.54
N HIS A 281 -8.74 -9.39 -1.46
CA HIS A 281 -8.49 -8.47 -0.33
C HIS A 281 -7.44 -7.44 -0.73
N GLN A 282 -6.61 -7.77 -1.73
CA GLN A 282 -5.55 -6.96 -2.30
C GLN A 282 -5.64 -7.07 -3.81
N PHE A 283 -5.53 -5.94 -4.50
CA PHE A 283 -5.52 -5.98 -5.95
C PHE A 283 -4.86 -4.73 -6.45
N ASP A 284 -4.17 -4.80 -7.61
CA ASP A 284 -3.53 -3.62 -8.19
C ASP A 284 -4.55 -2.90 -9.05
N LYS A 285 -4.49 -1.56 -9.00
CA LYS A 285 -5.37 -0.71 -9.76
C LYS A 285 -4.63 0.55 -10.20
N VAL A 286 -4.79 0.90 -11.48
CA VAL A 286 -4.25 2.13 -12.04
C VAL A 286 -5.42 3.11 -12.02
N GLU A 287 -5.33 4.06 -11.08
CA GLU A 287 -6.34 5.06 -10.76
C GLU A 287 -6.11 6.41 -11.41
N MET A 288 -7.17 6.98 -11.99
CA MET A 288 -7.17 8.32 -12.58
C MET A 288 -8.03 9.23 -11.70
N VAL A 289 -7.49 10.36 -11.31
CA VAL A 289 -8.16 11.35 -10.47
C VAL A 289 -7.99 12.75 -11.12
N GLN A 290 -9.07 13.54 -11.16
CA GLN A 290 -9.05 14.91 -11.68
C GLN A 290 -9.61 15.88 -10.66
N ILE A 291 -8.99 17.06 -10.55
CA ILE A 291 -9.44 18.16 -9.67
C ILE A 291 -9.76 19.24 -10.68
N VAL A 292 -11.05 19.56 -10.83
CA VAL A 292 -11.47 20.46 -11.89
C VAL A 292 -12.32 21.64 -11.45
N ASP A 293 -12.48 22.59 -12.40
CA ASP A 293 -13.33 23.75 -12.35
C ASP A 293 -14.77 23.18 -12.39
N PRO A 294 -15.63 23.55 -11.41
CA PRO A 294 -17.02 23.04 -11.38
C PRO A 294 -17.80 23.13 -12.68
N ALA A 295 -17.59 24.19 -13.48
CA ALA A 295 -18.27 24.39 -14.76
C ALA A 295 -17.97 23.30 -15.80
N THR A 296 -16.79 22.62 -15.68
CA THR A 296 -16.33 21.61 -16.65
C THR A 296 -16.38 20.15 -16.18
N SER A 297 -16.94 19.84 -15.01
CA SER A 297 -16.82 18.47 -14.50
C SER A 297 -17.58 17.39 -15.27
N TYR A 298 -18.74 17.71 -15.88
CA TYR A 298 -19.51 16.68 -16.59
C TYR A 298 -18.88 16.32 -17.93
N GLU A 299 -18.19 17.30 -18.58
CA GLU A 299 -17.43 17.07 -19.82
C GLU A 299 -16.16 16.28 -19.43
N ALA A 300 -15.56 16.63 -18.26
CA ALA A 300 -14.38 15.95 -17.72
C ALA A 300 -14.63 14.47 -17.53
N LEU A 301 -15.84 14.09 -17.06
CA LEU A 301 -16.29 12.71 -16.83
C LEU A 301 -16.30 11.92 -18.14
N GLU A 302 -16.78 12.55 -19.22
CA GLU A 302 -16.82 11.95 -20.55
C GLU A 302 -15.42 11.63 -21.04
N GLY A 303 -14.47 12.52 -20.77
CA GLY A 303 -13.07 12.36 -21.13
C GLY A 303 -12.42 11.27 -20.31
N LEU A 304 -12.60 11.30 -18.98
CA LEU A 304 -12.14 10.30 -18.02
C LEU A 304 -12.59 8.87 -18.43
N THR A 305 -13.87 8.71 -18.75
CA THR A 305 -14.45 7.44 -19.23
C THR A 305 -13.73 7.02 -20.55
N ALA A 306 -13.51 7.96 -21.49
CA ALA A 306 -12.82 7.65 -22.76
C ALA A 306 -11.38 7.19 -22.50
N ASN A 307 -10.72 7.75 -21.46
CA ASN A 307 -9.34 7.36 -21.08
C ASN A 307 -9.30 5.90 -20.59
N ALA A 308 -10.28 5.46 -19.76
CA ALA A 308 -10.36 4.08 -19.26
C ALA A 308 -10.67 3.14 -20.43
N GLU A 309 -11.59 3.56 -21.33
CA GLU A 309 -11.99 2.82 -22.52
C GLU A 309 -10.82 2.55 -23.42
N ARG A 310 -9.96 3.56 -23.62
CA ARG A 310 -8.76 3.50 -24.47
C ARG A 310 -7.85 2.32 -24.13
N VAL A 311 -7.72 1.99 -22.83
CA VAL A 311 -6.94 0.83 -22.33
C VAL A 311 -7.53 -0.46 -22.94
N LEU A 312 -8.86 -0.63 -22.85
CA LEU A 312 -9.57 -1.81 -23.35
C LEU A 312 -9.50 -1.93 -24.87
N GLN A 313 -9.66 -0.79 -25.59
CA GLN A 313 -9.57 -0.73 -27.06
C GLN A 313 -8.16 -1.13 -27.48
N LEU A 314 -7.14 -0.56 -26.83
CA LEU A 314 -5.75 -0.90 -27.16
C LEU A 314 -5.38 -2.36 -26.88
N LEU A 315 -6.00 -2.98 -25.84
CA LEU A 315 -5.79 -4.41 -25.54
C LEU A 315 -6.72 -5.28 -26.39
N GLU A 316 -7.59 -4.66 -27.21
CA GLU A 316 -8.57 -5.32 -28.07
C GLU A 316 -9.51 -6.21 -27.26
N LEU A 317 -9.97 -5.68 -26.10
CA LEU A 317 -10.89 -6.44 -25.24
C LEU A 317 -12.32 -5.93 -25.41
N PRO A 318 -13.25 -6.77 -25.91
CA PRO A 318 -14.64 -6.31 -26.08
C PRO A 318 -15.24 -5.90 -24.73
N TYR A 319 -15.86 -4.72 -24.71
CA TYR A 319 -16.44 -4.18 -23.49
C TYR A 319 -17.79 -3.45 -23.77
N ARG A 320 -18.44 -2.98 -22.70
CA ARG A 320 -19.71 -2.25 -22.73
C ARG A 320 -19.60 -1.12 -21.72
N VAL A 321 -20.22 0.04 -22.00
CA VAL A 321 -20.22 1.21 -21.10
C VAL A 321 -21.64 1.29 -20.57
N LEU A 322 -21.79 1.31 -19.24
CA LEU A 322 -23.10 1.43 -18.60
C LEU A 322 -23.22 2.74 -17.85
N ALA A 323 -24.36 3.44 -18.02
CA ALA A 323 -24.61 4.65 -17.24
C ALA A 323 -25.42 4.15 -16.05
N LEU A 324 -24.88 4.30 -14.83
CA LEU A 324 -25.58 3.82 -13.63
C LEU A 324 -26.78 4.68 -13.30
N CYS A 325 -27.89 4.03 -12.93
CA CYS A 325 -29.10 4.76 -12.55
C CYS A 325 -28.95 5.32 -11.09
N THR A 326 -29.92 6.14 -10.64
CA THR A 326 -29.94 6.76 -9.32
C THR A 326 -29.85 5.72 -8.17
N GLY A 327 -30.52 4.57 -8.33
CA GLY A 327 -30.51 3.52 -7.31
C GLY A 327 -29.31 2.60 -7.31
N ASP A 328 -28.29 2.88 -8.15
CA ASP A 328 -27.14 1.99 -8.24
C ASP A 328 -25.79 2.71 -8.20
N MET A 329 -25.71 3.86 -7.52
CA MET A 329 -24.48 4.62 -7.47
C MET A 329 -23.76 4.53 -6.16
N GLY A 330 -22.47 4.88 -6.19
CA GLY A 330 -21.61 4.97 -5.01
C GLY A 330 -22.00 6.20 -4.20
N PHE A 331 -21.83 6.11 -2.88
CA PHE A 331 -22.13 7.14 -1.88
C PHE A 331 -21.75 8.58 -2.28
N GLY A 332 -20.52 8.79 -2.73
CA GLY A 332 -20.01 10.11 -3.07
C GLY A 332 -20.15 10.55 -4.51
N SER A 333 -20.93 9.81 -5.34
CA SER A 333 -21.08 10.09 -6.77
C SER A 333 -22.38 10.83 -7.17
N THR A 334 -22.27 11.78 -8.14
CA THR A 334 -23.42 12.47 -8.73
C THR A 334 -23.79 11.77 -10.03
N LYS A 335 -22.80 11.13 -10.69
CA LYS A 335 -22.95 10.45 -11.98
C LYS A 335 -21.79 9.50 -12.18
N THR A 336 -22.09 8.25 -12.57
CA THR A 336 -21.11 7.21 -12.84
C THR A 336 -21.41 6.46 -14.15
N TYR A 337 -20.30 6.08 -14.84
CA TYR A 337 -20.23 5.18 -15.96
C TYR A 337 -19.35 3.99 -15.54
N ASP A 338 -19.88 2.78 -15.68
CA ASP A 338 -19.15 1.55 -15.42
C ASP A 338 -18.73 0.95 -16.74
N LEU A 339 -17.48 0.55 -16.85
CA LEU A 339 -17.02 -0.20 -18.01
C LEU A 339 -17.08 -1.67 -17.55
N GLU A 340 -17.57 -2.53 -18.44
CA GLU A 340 -17.74 -3.96 -18.23
C GLU A 340 -17.04 -4.72 -19.36
N VAL A 341 -15.99 -5.49 -19.05
CA VAL A 341 -15.24 -6.27 -20.04
C VAL A 341 -15.89 -7.66 -20.31
N TRP A 342 -15.82 -8.15 -21.54
CA TRP A 342 -16.32 -9.47 -21.89
C TRP A 342 -15.50 -10.56 -21.20
N VAL A 343 -16.19 -11.49 -20.54
CA VAL A 343 -15.56 -12.62 -19.86
C VAL A 343 -16.08 -13.93 -20.51
N PRO A 344 -15.29 -14.51 -21.46
CA PRO A 344 -15.75 -15.72 -22.18
C PRO A 344 -16.27 -16.89 -21.34
N SER A 345 -15.59 -17.28 -20.25
CA SER A 345 -16.04 -18.41 -19.40
C SER A 345 -17.40 -18.21 -18.74
N GLN A 346 -17.82 -16.94 -18.57
CA GLN A 346 -19.09 -16.55 -17.94
C GLN A 346 -20.20 -16.20 -18.95
N ASP A 347 -19.84 -16.01 -20.23
CA ASP A 347 -20.74 -15.60 -21.32
C ASP A 347 -21.53 -14.31 -20.97
N LYS A 348 -20.81 -13.30 -20.42
CA LYS A 348 -21.36 -12.01 -20.04
C LYS A 348 -20.25 -10.97 -19.91
N TYR A 349 -20.62 -9.68 -19.82
CA TYR A 349 -19.68 -8.59 -19.55
C TYR A 349 -19.61 -8.44 -18.03
N ARG A 350 -18.38 -8.24 -17.45
CA ARG A 350 -18.22 -8.05 -15.99
C ARG A 350 -17.44 -6.76 -15.76
N GLU A 351 -17.82 -6.00 -14.74
CA GLU A 351 -17.24 -4.73 -14.33
C GLU A 351 -15.70 -4.79 -14.20
N ILE A 352 -15.00 -3.78 -14.74
CA ILE A 352 -13.54 -3.62 -14.76
C ILE A 352 -13.12 -2.17 -14.37
N SER A 353 -14.08 -1.24 -14.39
CA SER A 353 -13.84 0.16 -14.04
C SER A 353 -15.13 0.87 -13.68
N SER A 354 -15.07 1.82 -12.73
CA SER A 354 -16.13 2.77 -12.37
C SER A 354 -15.54 4.19 -12.51
N CYS A 355 -16.18 5.04 -13.31
CA CYS A 355 -15.76 6.44 -13.57
C CYS A 355 -16.81 7.39 -13.03
N SER A 356 -16.47 8.18 -12.01
CA SER A 356 -17.45 9.05 -11.37
C SER A 356 -17.12 10.53 -11.33
N ASN A 357 -18.19 11.33 -11.33
CA ASN A 357 -18.12 12.76 -11.05
C ASN A 357 -18.73 12.86 -9.66
N CYS A 358 -17.95 13.39 -8.71
CA CYS A 358 -18.32 13.56 -7.31
C CYS A 358 -18.86 14.97 -7.05
N GLY A 359 -18.75 15.86 -8.04
CA GLY A 359 -19.16 17.26 -7.89
C GLY A 359 -18.33 17.90 -6.80
N ASP A 360 -18.95 18.69 -5.91
CA ASP A 360 -18.22 19.33 -4.81
C ASP A 360 -18.30 18.56 -3.47
N PHE A 361 -18.80 17.30 -3.50
CA PHE A 361 -19.06 16.48 -2.29
C PHE A 361 -17.78 16.20 -1.50
N GLN A 362 -16.73 15.67 -2.15
CA GLN A 362 -15.44 15.40 -1.49
C GLN A 362 -14.69 16.70 -1.21
N ALA A 363 -14.73 17.66 -2.16
CA ALA A 363 -14.10 18.96 -2.00
C ALA A 363 -14.65 19.67 -0.74
N ARG A 364 -15.96 19.53 -0.42
CA ARG A 364 -16.56 20.12 0.78
C ARG A 364 -15.95 19.53 2.06
N ARG A 365 -15.84 18.19 2.11
CA ARG A 365 -15.29 17.43 3.24
C ARG A 365 -13.81 17.73 3.49
N MET A 366 -13.05 17.97 2.42
CA MET A 366 -11.62 18.22 2.56
C MET A 366 -11.23 19.71 2.43
N GLN A 367 -12.20 20.61 2.18
CA GLN A 367 -11.99 22.05 1.98
C GLN A 367 -11.00 22.30 0.84
N ALA A 368 -11.15 21.55 -0.26
CA ALA A 368 -10.34 21.70 -1.45
C ALA A 368 -11.04 22.77 -2.27
N ARG A 369 -10.35 23.88 -2.50
CA ARG A 369 -10.92 25.04 -3.20
C ARG A 369 -10.04 25.63 -4.30
N TYR A 370 -10.60 26.58 -5.05
CA TYR A 370 -9.89 27.35 -6.06
C TYR A 370 -10.34 28.78 -5.93
N ARG A 371 -9.51 29.74 -6.35
CA ARG A 371 -9.90 31.15 -6.29
C ARG A 371 -10.62 31.48 -7.61
N ASN A 372 -11.95 31.69 -7.54
CA ASN A 372 -12.78 32.00 -8.73
C ASN A 372 -12.31 33.32 -9.37
N PRO A 373 -12.04 33.36 -10.70
CA PRO A 373 -11.54 34.61 -11.32
C PRO A 373 -12.53 35.76 -11.35
N GLU A 374 -13.82 35.46 -11.58
CA GLU A 374 -14.89 36.46 -11.64
C GLU A 374 -15.15 37.14 -10.29
N THR A 375 -15.35 36.34 -9.22
CA THR A 375 -15.65 36.83 -7.85
C THR A 375 -14.42 37.13 -6.99
N GLY A 376 -13.30 36.45 -7.27
CA GLY A 376 -12.10 36.56 -6.45
C GLY A 376 -12.21 35.73 -5.18
N LYS A 377 -13.43 35.22 -4.90
CA LYS A 377 -13.79 34.44 -3.71
C LYS A 377 -13.32 32.97 -3.82
N PRO A 378 -12.90 32.35 -2.68
CA PRO A 378 -12.51 30.92 -2.75
C PRO A 378 -13.74 30.04 -2.92
N GLU A 379 -13.76 29.21 -3.97
CA GLU A 379 -14.89 28.33 -4.27
C GLU A 379 -14.46 26.86 -4.34
N LEU A 380 -15.35 25.92 -3.98
CA LEU A 380 -15.02 24.49 -4.03
C LEU A 380 -14.80 24.03 -5.47
N VAL A 381 -13.86 23.12 -5.64
CA VAL A 381 -13.54 22.51 -6.94
C VAL A 381 -14.46 21.29 -7.09
N HIS A 382 -14.37 20.59 -8.24
CA HIS A 382 -15.08 19.36 -8.40
C HIS A 382 -14.01 18.29 -8.50
N THR A 383 -14.34 17.07 -8.06
CA THR A 383 -13.40 15.97 -8.15
C THR A 383 -14.01 14.84 -8.94
N LEU A 384 -13.15 14.08 -9.62
CA LEU A 384 -13.54 12.92 -10.39
C LEU A 384 -12.51 11.84 -10.18
N ASN A 385 -12.96 10.61 -10.29
CA ASN A 385 -12.06 9.46 -10.23
C ASN A 385 -12.55 8.34 -11.13
N GLY A 386 -11.61 7.51 -11.57
CA GLY A 386 -11.94 6.38 -12.43
C GLY A 386 -10.81 5.39 -12.57
N SER A 387 -11.18 4.10 -12.61
CA SER A 387 -10.20 3.01 -12.78
C SER A 387 -9.76 3.00 -14.25
N GLY A 388 -8.46 2.92 -14.50
CA GLY A 388 -7.95 2.84 -15.86
C GLY A 388 -6.74 1.93 -16.02
N LEU A 389 -6.78 0.66 -15.53
CA LEU A 389 -7.92 -0.08 -14.96
C LEU A 389 -7.54 -0.86 -13.68
N ALA A 390 -8.50 -1.67 -13.13
CA ALA A 390 -8.23 -2.61 -12.05
C ALA A 390 -7.38 -3.68 -12.78
N VAL A 391 -6.09 -3.82 -12.39
CA VAL A 391 -5.10 -4.63 -13.11
C VAL A 391 -5.39 -6.16 -13.07
N GLY A 392 -5.83 -6.69 -11.92
CA GLY A 392 -6.11 -8.11 -11.77
C GLY A 392 -7.24 -8.57 -12.67
N ARG A 393 -8.32 -7.74 -12.75
CA ARG A 393 -9.49 -8.04 -13.60
C ARG A 393 -9.18 -7.97 -15.08
N THR A 394 -8.27 -7.05 -15.49
CA THR A 394 -7.84 -6.95 -16.89
C THR A 394 -7.07 -8.22 -17.25
N LEU A 395 -6.24 -8.73 -16.30
CA LEU A 395 -5.48 -9.96 -16.48
C LEU A 395 -6.44 -11.13 -16.70
N VAL A 396 -7.53 -11.21 -15.92
CA VAL A 396 -8.59 -12.22 -16.09
C VAL A 396 -9.12 -12.16 -17.55
N ALA A 397 -9.40 -10.93 -18.03
CA ALA A 397 -9.92 -10.64 -19.37
C ALA A 397 -8.88 -11.02 -20.42
N VAL A 398 -7.60 -10.71 -20.17
CA VAL A 398 -6.52 -11.04 -21.11
C VAL A 398 -6.38 -12.56 -21.22
N LEU A 399 -6.30 -13.26 -20.08
CA LEU A 399 -6.17 -14.72 -20.05
C LEU A 399 -7.30 -15.43 -20.80
N GLU A 400 -8.56 -15.03 -20.55
CA GLU A 400 -9.74 -15.65 -21.14
C GLU A 400 -10.00 -15.30 -22.61
N ASN A 401 -9.84 -14.02 -23.00
CA ASN A 401 -10.08 -13.60 -24.39
C ASN A 401 -8.97 -14.00 -25.36
N TYR A 402 -7.76 -14.21 -24.84
CA TYR A 402 -6.59 -14.57 -25.62
C TYR A 402 -6.20 -16.04 -25.53
N GLN A 403 -7.02 -16.87 -24.86
CA GLN A 403 -6.77 -18.31 -24.74
C GLN A 403 -6.81 -19.00 -26.10
N GLN A 404 -5.96 -20.02 -26.26
CA GLN A 404 -5.90 -20.84 -27.47
C GLN A 404 -6.37 -22.24 -27.10
N ALA A 405 -6.59 -23.12 -28.11
CA ALA A 405 -7.10 -24.47 -27.93
C ALA A 405 -6.24 -25.36 -27.04
N ASP A 406 -4.90 -25.21 -27.12
CA ASP A 406 -3.97 -26.02 -26.31
C ASP A 406 -3.85 -25.53 -24.84
N GLY A 407 -4.60 -24.49 -24.48
CA GLY A 407 -4.59 -23.87 -23.16
C GLY A 407 -3.56 -22.77 -23.00
N SER A 408 -2.80 -22.49 -24.06
CA SER A 408 -1.80 -21.42 -24.04
C SER A 408 -2.49 -20.07 -24.27
N ILE A 409 -1.78 -18.96 -24.00
CA ILE A 409 -2.34 -17.61 -24.10
C ILE A 409 -1.53 -16.76 -25.06
N ARG A 410 -2.18 -16.13 -26.04
CA ARG A 410 -1.48 -15.21 -26.94
C ARG A 410 -1.28 -13.89 -26.19
N VAL A 411 -0.08 -13.31 -26.30
CA VAL A 411 0.19 -12.01 -25.69
C VAL A 411 -0.45 -10.88 -26.55
N PRO A 412 -1.30 -9.99 -25.95
CA PRO A 412 -1.83 -8.85 -26.73
C PRO A 412 -0.69 -8.01 -27.30
N GLU A 413 -0.82 -7.58 -28.58
CA GLU A 413 0.17 -6.79 -29.32
C GLU A 413 0.81 -5.64 -28.54
N VAL A 414 0.01 -4.82 -27.83
CA VAL A 414 0.53 -3.64 -27.09
C VAL A 414 1.37 -4.03 -25.88
N LEU A 415 1.28 -5.30 -25.43
CA LEU A 415 2.05 -5.81 -24.28
C LEU A 415 3.35 -6.55 -24.64
N LYS A 416 3.55 -6.93 -25.92
CA LYS A 416 4.76 -7.59 -26.41
C LYS A 416 6.05 -6.80 -26.07
N PRO A 417 6.12 -5.42 -26.21
CA PRO A 417 7.33 -4.69 -25.77
C PRO A 417 7.71 -4.89 -24.29
N TYR A 418 6.75 -5.29 -23.43
CA TYR A 418 6.97 -5.52 -22.00
C TYR A 418 7.19 -6.97 -21.65
N MET A 419 6.97 -7.91 -22.61
CA MET A 419 7.03 -9.35 -22.35
C MET A 419 8.36 -10.07 -22.70
N ALA A 420 9.45 -9.29 -22.93
CA ALA A 420 10.81 -9.80 -23.23
C ALA A 420 10.86 -10.96 -24.23
N GLY A 421 10.24 -10.75 -25.38
CA GLY A 421 10.23 -11.76 -26.44
C GLY A 421 9.12 -12.78 -26.38
N ILE A 422 8.43 -12.91 -25.23
CA ILE A 422 7.32 -13.87 -25.11
C ILE A 422 6.13 -13.34 -25.93
N GLU A 423 5.58 -14.20 -26.79
CA GLU A 423 4.45 -13.90 -27.65
C GLU A 423 3.28 -14.81 -27.37
N VAL A 424 3.56 -16.00 -26.80
CA VAL A 424 2.60 -17.03 -26.40
C VAL A 424 3.01 -17.53 -25.00
N ILE A 425 2.07 -17.58 -24.08
CA ILE A 425 2.33 -18.05 -22.71
C ILE A 425 1.94 -19.54 -22.59
N GLY A 426 2.95 -20.39 -22.34
CA GLY A 426 2.77 -21.83 -22.18
C GLY A 426 2.36 -22.52 -23.50
N MET B 1 15.04 -21.81 13.28
CA MET B 1 15.35 -22.75 14.34
C MET B 1 16.63 -23.51 14.06
N LEU B 2 17.41 -23.76 15.12
CA LEU B 2 18.68 -24.51 15.05
C LEU B 2 18.40 -26.03 15.03
N ASP B 3 19.38 -26.83 14.53
CA ASP B 3 19.28 -28.28 14.50
C ASP B 3 19.11 -28.79 15.94
N PRO B 4 17.98 -29.45 16.26
CA PRO B 4 17.77 -29.94 17.63
C PRO B 4 18.82 -30.98 18.09
N LYS B 5 19.42 -31.74 17.15
CA LYS B 5 20.47 -32.74 17.41
C LYS B 5 21.74 -32.05 17.94
N LEU B 6 22.17 -30.94 17.31
CA LEU B 6 23.32 -30.11 17.65
C LEU B 6 23.17 -29.50 19.03
N VAL B 7 21.97 -28.98 19.34
CA VAL B 7 21.63 -28.35 20.62
C VAL B 7 21.71 -29.40 21.75
N ARG B 8 21.39 -30.66 21.44
CA ARG B 8 21.45 -31.78 22.38
C ARG B 8 22.84 -32.40 22.53
N THR B 9 23.53 -32.71 21.39
CA THR B 9 24.85 -33.37 21.33
C THR B 9 26.06 -32.46 21.56
N GLN B 10 25.97 -31.18 21.14
CA GLN B 10 27.07 -30.24 21.29
C GLN B 10 26.59 -28.93 21.99
N PRO B 11 25.97 -28.98 23.20
CA PRO B 11 25.46 -27.73 23.80
C PRO B 11 26.49 -26.61 24.03
N GLN B 12 27.70 -26.97 24.51
CA GLN B 12 28.79 -26.04 24.80
C GLN B 12 29.30 -25.31 23.56
N GLU B 13 29.51 -26.03 22.44
CA GLU B 13 30.00 -25.46 21.18
C GLU B 13 28.93 -24.57 20.54
N VAL B 14 27.65 -25.00 20.57
CA VAL B 14 26.55 -24.22 20.00
C VAL B 14 26.43 -22.90 20.80
N ALA B 15 26.50 -22.98 22.16
CA ALA B 15 26.44 -21.83 23.07
C ALA B 15 27.60 -20.85 22.87
N ALA B 16 28.83 -21.39 22.72
CA ALA B 16 30.04 -20.57 22.50
C ALA B 16 29.95 -19.83 21.17
N ARG B 17 29.38 -20.47 20.12
CA ARG B 17 29.22 -19.85 18.79
C ARG B 17 28.17 -18.75 18.81
N LEU B 18 27.08 -18.95 19.57
CA LEU B 18 26.00 -17.99 19.73
C LEU B 18 26.44 -16.82 20.55
N ALA B 19 27.37 -17.05 21.51
CA ALA B 19 27.91 -16.00 22.37
C ALA B 19 28.69 -14.95 21.55
N THR B 20 29.15 -15.31 20.33
CA THR B 20 29.82 -14.35 19.43
C THR B 20 28.79 -13.36 18.87
N ARG B 21 27.48 -13.68 18.96
CA ARG B 21 26.36 -12.79 18.57
C ARG B 21 25.86 -11.98 19.77
N GLY B 22 26.36 -12.30 20.96
CA GLY B 22 25.93 -11.64 22.19
C GLY B 22 24.69 -12.28 22.76
N PHE B 23 24.37 -13.50 22.29
CA PHE B 23 23.21 -14.27 22.74
C PHE B 23 23.70 -15.30 23.74
N GLN B 24 23.05 -15.35 24.91
CA GLN B 24 23.37 -16.31 25.96
C GLN B 24 22.40 -17.47 25.87
N LEU B 25 22.87 -18.64 25.39
CA LEU B 25 22.02 -19.82 25.27
C LEU B 25 21.80 -20.44 26.66
N ASP B 26 20.52 -20.62 26.98
CA ASP B 26 20.09 -21.18 28.26
C ASP B 26 20.02 -22.71 28.17
N VAL B 27 21.22 -23.34 28.14
CA VAL B 27 21.46 -24.80 28.07
C VAL B 27 20.78 -25.47 29.26
N ALA B 28 20.91 -24.86 30.47
CA ALA B 28 20.32 -25.32 31.72
C ALA B 28 18.82 -25.51 31.57
N ARG B 29 18.08 -24.46 31.17
CA ARG B 29 16.64 -24.54 30.98
C ARG B 29 16.25 -25.53 29.86
N ILE B 30 17.00 -25.55 28.74
CA ILE B 30 16.71 -26.49 27.65
C ILE B 30 16.82 -27.94 28.16
N GLU B 31 17.95 -28.29 28.81
CA GLU B 31 18.20 -29.64 29.34
C GLU B 31 17.28 -30.00 30.52
N ALA B 32 16.84 -29.01 31.34
CA ALA B 32 15.93 -29.23 32.46
C ALA B 32 14.55 -29.60 31.93
N LEU B 33 14.14 -28.96 30.80
CA LEU B 33 12.86 -29.22 30.12
C LEU B 33 12.88 -30.57 29.43
N GLU B 34 14.04 -30.97 28.88
CA GLU B 34 14.26 -32.25 28.22
C GLU B 34 14.17 -33.40 29.23
N GLU B 35 14.63 -33.15 30.47
CA GLU B 35 14.60 -34.09 31.59
C GLU B 35 13.17 -34.27 32.10
N GLN B 36 12.37 -33.18 32.10
CA GLN B 36 10.98 -33.17 32.53
C GLN B 36 10.10 -33.94 31.52
N ARG B 37 10.36 -33.75 30.20
CA ARG B 37 9.65 -34.44 29.12
C ARG B 37 9.92 -35.94 29.18
N LYS B 38 11.20 -36.32 29.46
CA LYS B 38 11.66 -37.70 29.57
C LYS B 38 11.03 -38.39 30.78
N SER B 39 10.94 -37.68 31.93
CA SER B 39 10.35 -38.18 33.18
C SER B 39 8.84 -38.37 33.02
N VAL B 40 8.15 -37.40 32.38
CA VAL B 40 6.71 -37.43 32.12
C VAL B 40 6.33 -38.54 31.13
N GLN B 41 7.24 -38.84 30.17
CA GLN B 41 7.07 -39.90 29.16
C GLN B 41 7.13 -41.29 29.85
N THR B 42 8.15 -41.50 30.72
CA THR B 42 8.36 -42.73 31.48
C THR B 42 7.21 -43.05 32.46
N ARG B 43 6.42 -42.02 32.85
CA ARG B 43 5.25 -42.17 33.74
C ARG B 43 3.99 -42.46 32.91
N THR B 44 3.80 -41.76 31.76
CA THR B 44 2.66 -41.91 30.86
C THR B 44 2.62 -43.27 30.16
N GLY B 85 -1.05 -35.29 33.11
CA GLY B 85 -0.44 -36.09 32.05
C GLY B 85 -0.21 -35.31 30.77
N LYS B 86 -1.27 -35.21 29.93
CA LYS B 86 -1.24 -34.47 28.66
C LYS B 86 -1.03 -32.97 28.90
N ARG B 87 -1.57 -32.42 30.01
CA ARG B 87 -1.44 -31.03 30.44
C ARG B 87 0.04 -30.65 30.60
N GLN B 88 0.77 -31.41 31.47
CA GLN B 88 2.20 -31.24 31.77
C GLN B 88 3.12 -31.47 30.55
N LEU B 89 2.76 -32.44 29.68
CA LEU B 89 3.52 -32.74 28.46
C LEU B 89 3.40 -31.58 27.47
N ASP B 90 2.18 -31.08 27.23
CA ASP B 90 1.92 -29.94 26.32
C ASP B 90 2.51 -28.61 26.84
N ALA B 91 2.58 -28.45 28.17
CA ALA B 91 3.14 -27.23 28.79
C ALA B 91 4.65 -27.19 28.61
N ILE B 92 5.34 -28.34 28.84
CA ILE B 92 6.78 -28.53 28.68
C ILE B 92 7.15 -28.39 27.21
N GLN B 93 6.32 -28.96 26.30
CA GLN B 93 6.53 -28.88 24.86
C GLN B 93 6.33 -27.46 24.33
N GLY B 94 5.32 -26.77 24.86
CA GLY B 94 5.04 -25.38 24.52
C GLY B 94 6.17 -24.47 25.00
N GLU B 95 6.70 -24.73 26.22
CA GLU B 95 7.81 -23.96 26.78
C GLU B 95 9.10 -24.15 25.97
N LEU B 96 9.44 -25.43 25.65
CA LEU B 96 10.61 -25.80 24.88
C LEU B 96 10.58 -25.21 23.45
N ASP B 97 9.45 -25.33 22.73
CA ASP B 97 9.26 -24.79 21.37
C ASP B 97 9.39 -23.27 21.35
N ALA B 98 8.81 -22.56 22.35
CA ALA B 98 8.91 -21.11 22.49
C ALA B 98 10.37 -20.68 22.67
N MET B 99 11.16 -21.42 23.49
CA MET B 99 12.60 -21.16 23.69
C MET B 99 13.36 -21.36 22.37
N LEU B 100 13.10 -22.49 21.70
CA LEU B 100 13.72 -22.91 20.45
C LEU B 100 13.53 -21.91 19.33
N LEU B 101 12.35 -21.25 19.28
CA LEU B 101 12.01 -20.23 18.28
C LEU B 101 12.63 -18.84 18.60
N GLY B 102 13.26 -18.70 19.77
CA GLY B 102 13.92 -17.48 20.20
C GLY B 102 15.41 -17.47 20.00
N ILE B 103 15.99 -18.59 19.50
CA ILE B 103 17.45 -18.71 19.31
C ILE B 103 17.87 -18.21 17.92
N PRO B 104 18.81 -17.22 17.83
CA PRO B 104 19.28 -16.78 16.50
C PRO B 104 20.15 -17.84 15.82
N ASN B 105 20.37 -17.65 14.52
CA ASN B 105 21.14 -18.59 13.70
C ASN B 105 22.62 -18.66 14.07
N LEU B 106 23.24 -19.82 13.83
CA LEU B 106 24.67 -20.02 14.10
C LEU B 106 25.50 -19.31 13.02
N PRO B 107 26.40 -18.36 13.38
CA PRO B 107 27.21 -17.69 12.34
C PRO B 107 28.18 -18.68 11.71
N HIS B 108 28.39 -18.57 10.38
CA HIS B 108 29.33 -19.42 9.65
C HIS B 108 30.76 -19.13 10.16
N GLU B 109 31.63 -20.15 10.21
CA GLU B 109 33.00 -19.99 10.70
C GLU B 109 33.81 -18.88 9.98
N SER B 110 33.40 -18.48 8.75
CA SER B 110 34.09 -17.43 7.98
C SER B 110 33.60 -16.01 8.35
N VAL B 111 32.65 -15.91 9.26
CA VAL B 111 32.11 -14.62 9.67
C VAL B 111 33.05 -13.94 10.66
N PRO B 112 33.53 -12.68 10.40
CA PRO B 112 34.42 -12.02 11.38
C PRO B 112 33.74 -11.92 12.76
N VAL B 113 34.47 -12.29 13.82
CA VAL B 113 33.97 -12.23 15.19
C VAL B 113 34.13 -10.77 15.70
N GLY B 114 33.02 -10.19 16.13
CA GLY B 114 32.97 -8.83 16.61
C GLY B 114 31.73 -8.60 17.45
N ALA B 115 31.69 -7.45 18.15
CA ALA B 115 30.63 -7.12 19.08
C ALA B 115 29.59 -6.15 18.53
N ASP B 116 30.00 -5.26 17.62
CA ASP B 116 29.11 -4.23 17.07
C ASP B 116 29.47 -3.91 15.62
N GLU B 117 28.83 -2.89 15.02
CA GLU B 117 29.06 -2.44 13.65
C GLU B 117 30.52 -2.04 13.36
N ASP B 118 31.24 -1.49 14.36
CA ASP B 118 32.64 -1.07 14.20
C ASP B 118 33.58 -2.23 13.89
N ALA B 119 33.15 -3.50 14.14
CA ALA B 119 33.91 -4.71 13.83
C ALA B 119 33.55 -5.33 12.47
N ASN B 120 32.65 -4.67 11.68
CA ASN B 120 32.28 -5.11 10.30
C ASN B 120 33.47 -4.87 9.40
N VAL B 121 33.71 -5.81 8.46
CA VAL B 121 34.86 -5.82 7.55
C VAL B 121 34.49 -5.42 6.12
N GLU B 122 35.13 -4.36 5.60
CA GLU B 122 34.96 -3.93 4.22
C GLU B 122 35.73 -4.96 3.37
N VAL B 123 35.04 -5.67 2.48
CA VAL B 123 35.70 -6.73 1.70
C VAL B 123 36.13 -6.24 0.32
N ARG B 124 35.39 -5.26 -0.22
CA ARG B 124 35.66 -4.62 -1.52
C ARG B 124 34.83 -3.33 -1.63
N ARG B 125 35.09 -2.61 -2.73
CA ARG B 125 34.44 -1.37 -3.12
C ARG B 125 34.24 -1.43 -4.64
N TRP B 126 33.55 -0.42 -5.20
CA TRP B 126 33.39 -0.28 -6.65
C TRP B 126 33.12 1.17 -6.96
N GLY B 127 33.80 1.71 -7.94
CA GLY B 127 33.58 3.10 -8.36
C GLY B 127 34.23 4.13 -7.48
N THR B 128 34.41 5.34 -8.03
CA THR B 128 35.02 6.48 -7.37
C THR B 128 33.95 7.50 -7.05
N PRO B 129 33.67 7.75 -5.74
CA PRO B 129 32.72 8.81 -5.35
C PRO B 129 33.10 10.17 -6.00
N LYS B 130 32.11 10.84 -6.63
CA LYS B 130 32.27 12.08 -7.38
C LYS B 130 32.66 13.30 -6.54
N THR B 131 33.65 14.05 -7.02
CA THR B 131 34.08 15.33 -6.43
C THR B 131 33.30 16.38 -7.22
N PHE B 132 32.43 17.12 -6.51
CA PHE B 132 31.57 18.15 -7.10
C PHE B 132 32.22 19.53 -7.04
N ASP B 133 32.07 20.34 -8.12
CA ASP B 133 32.60 21.71 -8.20
C ASP B 133 31.58 22.76 -7.67
N PHE B 134 30.78 22.37 -6.64
CA PHE B 134 29.74 23.19 -6.02
C PHE B 134 29.27 22.51 -4.72
N GLU B 135 28.48 23.25 -3.91
CA GLU B 135 27.93 22.77 -2.65
C GLU B 135 26.85 21.73 -2.88
N VAL B 136 27.11 20.52 -2.40
CA VAL B 136 26.21 19.37 -2.52
C VAL B 136 24.93 19.60 -1.70
N LYS B 137 23.78 19.22 -2.29
CA LYS B 137 22.46 19.27 -1.68
C LYS B 137 22.04 17.83 -1.38
N ASP B 138 21.22 17.66 -0.35
CA ASP B 138 20.66 16.36 0.01
C ASP B 138 19.44 16.10 -0.88
N HIS B 139 18.91 14.86 -0.91
CA HIS B 139 17.80 14.46 -1.76
C HIS B 139 16.50 15.20 -1.46
N VAL B 140 16.37 15.67 -0.21
CA VAL B 140 15.22 16.42 0.31
C VAL B 140 15.21 17.78 -0.34
N ALA B 141 16.33 18.53 -0.29
CA ALA B 141 16.39 19.83 -0.95
C ALA B 141 16.25 19.68 -2.49
N LEU B 142 16.83 18.61 -3.05
CA LEU B 142 16.79 18.38 -4.50
C LEU B 142 15.37 18.11 -4.96
N GLY B 143 14.71 17.14 -4.32
CA GLY B 143 13.36 16.70 -4.64
C GLY B 143 12.24 17.68 -4.36
N GLU B 144 12.34 18.42 -3.26
CA GLU B 144 11.31 19.35 -2.82
C GLU B 144 11.16 20.59 -3.68
N ARG B 145 12.16 20.94 -4.50
CA ARG B 145 12.20 22.17 -5.30
C ARG B 145 10.93 22.48 -6.15
N HIS B 146 10.39 21.50 -6.91
CA HIS B 146 9.21 21.70 -7.75
C HIS B 146 7.94 20.96 -7.24
N GLY B 147 8.00 20.44 -6.01
CA GLY B 147 6.90 19.70 -5.40
C GLY B 147 6.89 18.24 -5.82
N TRP B 148 7.96 17.76 -6.47
CA TRP B 148 8.03 16.40 -6.99
C TRP B 148 8.38 15.35 -5.92
N LEU B 149 8.96 15.78 -4.81
CA LEU B 149 9.18 14.95 -3.61
C LEU B 149 8.51 15.75 -2.50
N ASP B 150 7.41 15.24 -1.96
CA ASP B 150 6.58 15.99 -1.01
C ASP B 150 6.29 15.22 0.28
N PHE B 151 7.06 15.53 1.32
CA PHE B 151 6.92 14.95 2.66
C PHE B 151 5.77 15.59 3.42
N GLU B 152 5.47 16.88 3.14
CA GLU B 152 4.37 17.60 3.79
C GLU B 152 2.99 17.09 3.43
N THR B 153 2.70 16.83 2.12
CA THR B 153 1.40 16.29 1.68
C THR B 153 1.22 14.88 2.26
N ALA B 154 2.32 14.08 2.29
CA ALA B 154 2.35 12.71 2.82
C ALA B 154 2.04 12.71 4.30
N ALA B 155 2.59 13.73 5.06
CA ALA B 155 2.37 13.93 6.49
C ALA B 155 0.91 14.27 6.74
N LYS B 156 0.33 15.15 5.91
CA LYS B 156 -1.08 15.55 5.97
C LYS B 156 -1.97 14.30 5.78
N LEU B 157 -1.58 13.40 4.87
CA LEU B 157 -2.33 12.17 4.64
C LEU B 157 -2.15 11.09 5.70
N SER B 158 -0.89 10.83 6.08
CA SER B 158 -0.51 9.65 6.85
C SER B 158 0.33 9.82 8.09
N GLY B 159 0.81 11.04 8.36
CA GLY B 159 1.69 11.26 9.51
C GLY B 159 3.14 11.09 9.10
N ALA B 160 4.05 11.02 10.10
CA ALA B 160 5.49 10.95 9.83
C ALA B 160 5.94 9.66 9.16
N ARG B 161 7.09 9.70 8.46
CA ARG B 161 7.79 8.58 7.80
C ARG B 161 7.04 8.01 6.58
N PHE B 162 6.33 8.89 5.86
CA PHE B 162 5.67 8.60 4.59
C PHE B 162 6.17 9.59 3.53
N ALA B 163 6.01 9.23 2.24
CA ALA B 163 6.44 10.10 1.15
C ALA B 163 5.41 10.15 0.04
N LEU B 164 5.34 11.29 -0.65
CA LEU B 164 4.53 11.45 -1.84
C LEU B 164 5.51 11.92 -2.94
N MET B 165 5.45 11.26 -4.09
CA MET B 165 6.30 11.62 -5.23
C MET B 165 5.38 11.92 -6.39
N ARG B 166 5.77 12.89 -7.22
CA ARG B 166 4.99 13.32 -8.37
C ARG B 166 5.86 13.54 -9.58
N GLY B 167 5.23 13.49 -10.75
CA GLY B 167 5.82 13.73 -12.06
C GLY B 167 7.09 12.98 -12.38
N PRO B 168 8.18 13.73 -12.71
CA PRO B 168 9.43 13.06 -13.12
C PRO B 168 10.17 12.28 -12.02
N ILE B 169 9.97 12.63 -10.74
CA ILE B 169 10.60 11.91 -9.63
C ILE B 169 9.86 10.57 -9.39
N ALA B 170 8.52 10.59 -9.41
CA ALA B 170 7.67 9.41 -9.33
C ALA B 170 8.01 8.50 -10.53
N ARG B 171 8.16 9.08 -11.76
CA ARG B 171 8.51 8.31 -12.97
C ARG B 171 9.88 7.66 -12.79
N LEU B 172 10.86 8.39 -12.20
CA LEU B 172 12.22 7.90 -11.94
C LEU B 172 12.22 6.79 -10.91
N HIS B 173 11.32 6.88 -9.89
CA HIS B 173 11.18 5.83 -8.88
C HIS B 173 10.69 4.54 -9.57
N ARG B 174 9.65 4.66 -10.40
CA ARG B 174 9.06 3.56 -11.15
C ARG B 174 10.10 2.97 -12.15
N ALA B 175 10.86 3.83 -12.85
CA ALA B 175 11.92 3.44 -13.79
C ALA B 175 12.96 2.59 -13.05
N LEU B 176 13.34 3.00 -11.82
CA LEU B 176 14.32 2.25 -11.01
C LEU B 176 13.88 0.84 -10.69
N ALA B 177 12.61 0.67 -10.30
CA ALA B 177 12.05 -0.63 -9.91
C ALA B 177 11.91 -1.53 -11.13
N GLN B 178 11.54 -0.94 -12.29
CA GLN B 178 11.39 -1.70 -13.56
C GLN B 178 12.74 -2.19 -14.03
N PHE B 179 13.72 -1.31 -13.99
CA PHE B 179 15.09 -1.64 -14.33
C PHE B 179 15.58 -2.84 -13.53
N MET B 180 15.42 -2.83 -12.18
CA MET B 180 15.88 -3.91 -11.31
C MET B 180 15.20 -5.25 -11.61
N ILE B 181 13.87 -5.27 -11.76
CA ILE B 181 13.12 -6.50 -12.03
C ILE B 181 13.42 -7.04 -13.43
N ASN B 182 13.55 -6.15 -14.44
CA ASN B 182 13.90 -6.57 -15.81
C ASN B 182 15.31 -7.15 -15.86
N LEU B 183 16.21 -6.62 -15.03
CA LEU B 183 17.61 -7.06 -14.95
C LEU B 183 17.72 -8.45 -14.34
N HIS B 184 17.09 -8.68 -13.20
CA HIS B 184 17.15 -9.96 -12.51
C HIS B 184 16.51 -11.09 -13.29
N THR B 185 15.39 -10.82 -13.98
CA THR B 185 14.69 -11.83 -14.79
C THR B 185 15.42 -12.14 -16.08
N ALA B 186 15.97 -11.11 -16.75
CA ALA B 186 16.63 -11.32 -18.04
C ALA B 186 18.06 -11.83 -17.92
N GLU B 187 18.81 -11.37 -16.90
CA GLU B 187 20.24 -11.72 -16.81
C GLU B 187 20.67 -12.57 -15.66
N HIS B 188 19.93 -12.60 -14.55
CA HIS B 188 20.38 -13.28 -13.35
C HIS B 188 19.62 -14.59 -13.01
N GLY B 189 18.70 -15.01 -13.86
CA GLY B 189 17.99 -16.28 -13.71
C GLY B 189 16.85 -16.34 -12.73
N TYR B 190 16.34 -15.18 -12.30
CA TYR B 190 15.23 -15.10 -11.34
C TYR B 190 13.88 -15.16 -12.04
N GLU B 191 12.95 -15.92 -11.46
CA GLU B 191 11.56 -16.00 -11.88
C GLU B 191 10.83 -14.88 -11.09
N GLU B 192 10.03 -14.09 -11.80
CA GLU B 192 9.22 -13.00 -11.25
C GLU B 192 8.02 -13.53 -10.48
N ALA B 193 7.56 -12.78 -9.47
CA ALA B 193 6.39 -13.15 -8.68
C ALA B 193 5.65 -11.95 -8.16
N TYR B 194 4.31 -12.04 -8.14
CA TYR B 194 3.44 -11.04 -7.50
C TYR B 194 2.98 -11.83 -6.26
N THR B 195 3.13 -11.24 -5.09
CA THR B 195 2.76 -11.92 -3.86
C THR B 195 1.78 -11.10 -3.03
N PRO B 196 1.05 -11.74 -2.07
CA PRO B 196 0.28 -10.95 -1.07
C PRO B 196 1.20 -10.04 -0.23
N TYR B 197 0.70 -8.88 0.20
CA TYR B 197 1.44 -7.95 1.04
C TYR B 197 0.95 -8.03 2.47
N LEU B 198 -0.06 -8.85 2.69
CA LEU B 198 -0.67 -9.12 3.99
C LEU B 198 -0.49 -10.60 4.19
N VAL B 199 0.15 -11.00 5.29
CA VAL B 199 0.33 -12.41 5.59
C VAL B 199 -0.21 -12.71 7.00
N GLN B 200 -0.48 -13.98 7.29
CA GLN B 200 -0.82 -14.43 8.62
C GLN B 200 0.51 -14.78 9.33
N ALA B 201 0.48 -14.98 10.66
CA ALA B 201 1.63 -15.27 11.53
C ALA B 201 2.52 -16.48 11.10
N PRO B 202 1.98 -17.68 10.72
CA PRO B 202 2.88 -18.80 10.34
C PRO B 202 3.96 -18.46 9.28
N ALA B 203 3.62 -17.62 8.29
CA ALA B 203 4.60 -17.19 7.27
C ALA B 203 5.73 -16.38 7.92
N LEU B 204 5.40 -15.47 8.87
CA LEU B 204 6.44 -14.69 9.58
C LEU B 204 7.29 -15.53 10.51
N GLN B 205 6.71 -16.62 11.06
CA GLN B 205 7.45 -17.54 11.92
C GLN B 205 8.39 -18.38 11.03
N GLY B 206 7.93 -18.71 9.82
CA GLY B 206 8.73 -19.43 8.83
C GLY B 206 10.03 -18.71 8.49
N THR B 207 10.00 -17.38 8.34
CA THR B 207 11.22 -16.64 8.02
C THR B 207 11.96 -16.05 9.25
N GLY B 208 11.36 -16.12 10.44
CA GLY B 208 12.04 -15.68 11.66
C GLY B 208 11.62 -14.37 12.27
N GLN B 209 10.69 -13.62 11.63
CA GLN B 209 10.24 -12.33 12.18
C GLN B 209 9.39 -12.56 13.40
N LEU B 210 8.68 -13.70 13.42
CA LEU B 210 7.88 -14.14 14.57
C LEU B 210 8.50 -15.39 15.16
N PRO B 211 8.42 -15.56 16.49
CA PRO B 211 7.70 -14.72 17.46
C PRO B 211 8.43 -13.48 18.00
N LYS B 212 9.76 -13.46 17.95
CA LYS B 212 10.62 -12.47 18.59
C LYS B 212 10.48 -11.02 18.14
N PHE B 213 10.10 -10.72 16.88
CA PHE B 213 10.08 -9.32 16.41
C PHE B 213 8.71 -8.77 16.01
N GLU B 214 7.64 -9.17 16.72
CA GLU B 214 6.28 -8.69 16.47
C GLU B 214 6.11 -7.17 16.54
N GLU B 215 6.84 -6.50 17.46
CA GLU B 215 6.79 -5.04 17.68
C GLU B 215 7.18 -4.23 16.44
N ASP B 216 8.01 -4.81 15.54
CA ASP B 216 8.50 -4.15 14.33
C ASP B 216 7.50 -4.27 13.17
N LEU B 217 6.40 -4.99 13.37
CA LEU B 217 5.36 -5.21 12.34
C LEU B 217 4.10 -4.39 12.57
N PHE B 218 3.41 -4.04 11.46
CA PHE B 218 2.10 -3.40 11.45
C PHE B 218 1.13 -4.56 11.38
N LYS B 219 0.29 -4.69 12.40
CA LYS B 219 -0.69 -5.76 12.52
C LYS B 219 -2.09 -5.24 12.24
N ILE B 220 -2.92 -6.05 11.57
CA ILE B 220 -4.34 -5.79 11.32
C ILE B 220 -5.09 -6.79 12.17
N GLY B 221 -5.66 -6.27 13.26
CA GLY B 221 -6.46 -7.05 14.19
C GLY B 221 -7.75 -7.39 13.49
N ARG B 222 -8.05 -8.70 13.42
CA ARG B 222 -9.27 -9.16 12.76
C ARG B 222 -10.09 -9.96 13.72
N ASP B 223 -11.32 -9.49 13.96
CA ASP B 223 -12.32 -10.04 14.89
C ASP B 223 -12.87 -11.37 14.38
N GLY B 224 -12.58 -12.45 15.10
CA GLY B 224 -13.05 -13.80 14.77
C GLY B 224 -12.41 -14.42 13.53
N GLU B 225 -11.16 -14.00 13.25
CA GLU B 225 -10.31 -14.42 12.15
C GLU B 225 -8.85 -14.27 12.56
N ALA B 226 -7.97 -14.92 11.80
CA ALA B 226 -6.55 -14.82 12.02
C ALA B 226 -6.11 -13.41 11.61
N ASP B 227 -5.33 -12.76 12.47
CA ASP B 227 -4.82 -11.42 12.21
C ASP B 227 -3.89 -11.45 11.01
N LEU B 228 -3.83 -10.33 10.30
CA LEU B 228 -2.96 -10.17 9.15
C LEU B 228 -1.86 -9.20 9.55
N TYR B 229 -0.68 -9.33 8.95
CA TYR B 229 0.46 -8.48 9.19
C TYR B 229 0.87 -7.96 7.85
N LEU B 230 1.27 -6.68 7.78
CA LEU B 230 1.78 -6.09 6.53
C LEU B 230 3.21 -6.62 6.39
N ILE B 231 3.60 -7.05 5.18
CA ILE B 231 4.94 -7.62 4.99
C ILE B 231 6.05 -6.60 5.24
N PRO B 232 7.07 -6.98 6.06
CA PRO B 232 8.22 -6.08 6.26
C PRO B 232 9.18 -6.11 5.06
N THR B 233 9.09 -7.20 4.27
CA THR B 233 9.92 -7.51 3.10
C THR B 233 9.26 -8.63 2.32
N ALA B 234 9.47 -8.69 0.98
CA ALA B 234 8.96 -9.78 0.14
C ALA B 234 9.64 -11.11 0.43
N GLU B 235 10.71 -11.10 1.24
CA GLU B 235 11.40 -12.32 1.71
C GLU B 235 10.38 -13.25 2.40
N VAL B 236 9.44 -12.66 3.16
CA VAL B 236 8.43 -13.35 3.92
C VAL B 236 7.53 -14.17 3.00
N SER B 237 7.01 -13.52 1.95
CA SER B 237 6.10 -14.16 1.01
C SER B 237 6.80 -15.10 0.05
N LEU B 238 7.97 -14.68 -0.51
CA LEU B 238 8.78 -15.47 -1.46
C LEU B 238 9.35 -16.74 -0.85
N THR B 239 10.05 -16.65 0.30
CA THR B 239 10.66 -17.82 0.93
C THR B 239 9.61 -18.87 1.31
N ASN B 240 8.43 -18.42 1.79
CA ASN B 240 7.37 -19.30 2.23
C ASN B 240 6.63 -20.04 1.10
N ILE B 241 6.96 -19.77 -0.18
CA ILE B 241 6.35 -20.49 -1.33
C ILE B 241 6.59 -22.01 -1.18
N VAL B 242 7.79 -22.39 -0.67
CA VAL B 242 8.21 -23.80 -0.54
C VAL B 242 7.93 -24.47 0.83
N SER B 243 7.23 -23.78 1.75
CA SER B 243 6.94 -24.33 3.05
C SER B 243 6.09 -25.59 2.95
N GLY B 244 6.43 -26.57 3.74
CA GLY B 244 5.71 -27.84 3.85
C GLY B 244 5.81 -28.75 2.64
N GLN B 245 6.83 -28.53 1.80
CA GLN B 245 7.03 -29.26 0.57
C GLN B 245 8.31 -30.04 0.52
N ILE B 246 8.32 -31.13 -0.27
CA ILE B 246 9.50 -31.93 -0.61
C ILE B 246 9.74 -31.68 -2.10
N LEU B 247 10.61 -30.73 -2.43
CA LEU B 247 10.90 -30.41 -3.82
C LEU B 247 11.72 -31.49 -4.51
N ASP B 248 11.85 -31.40 -5.81
CA ASP B 248 12.67 -32.32 -6.58
C ASP B 248 14.07 -31.73 -6.55
N ALA B 249 15.12 -32.58 -6.56
CA ALA B 249 16.51 -32.10 -6.62
C ALA B 249 16.71 -31.28 -7.93
N LYS B 250 15.99 -31.67 -8.99
CA LYS B 250 16.01 -31.05 -10.32
C LYS B 250 15.40 -29.64 -10.31
N GLN B 251 14.51 -29.34 -9.34
CA GLN B 251 13.84 -28.04 -9.18
C GLN B 251 14.75 -26.96 -8.59
N LEU B 252 15.90 -27.37 -8.03
CA LEU B 252 16.87 -26.48 -7.39
C LEU B 252 17.96 -25.97 -8.34
N PRO B 253 18.38 -24.68 -8.25
CA PRO B 253 17.90 -23.64 -7.32
C PRO B 253 16.59 -22.98 -7.77
N LEU B 254 15.72 -22.61 -6.82
CA LEU B 254 14.53 -21.82 -7.15
C LEU B 254 14.93 -20.39 -6.85
N LYS B 255 14.89 -19.52 -7.84
CA LYS B 255 15.29 -18.12 -7.71
C LYS B 255 14.10 -17.25 -7.99
N PHE B 256 13.61 -16.55 -6.96
CA PHE B 256 12.45 -15.66 -7.06
C PHE B 256 12.82 -14.19 -7.00
N VAL B 257 12.07 -13.34 -7.71
CA VAL B 257 12.26 -11.88 -7.66
C VAL B 257 10.87 -11.21 -7.59
N ALA B 258 10.69 -10.26 -6.70
CA ALA B 258 9.43 -9.54 -6.51
C ALA B 258 9.72 -8.07 -6.21
N HIS B 259 8.83 -7.19 -6.71
CA HIS B 259 8.85 -5.78 -6.44
C HIS B 259 7.62 -5.52 -5.58
N THR B 260 7.82 -5.13 -4.33
CA THR B 260 6.68 -4.92 -3.44
C THR B 260 6.90 -3.75 -2.49
N PRO B 261 5.82 -3.10 -1.97
CA PRO B 261 6.01 -2.20 -0.85
C PRO B 261 6.38 -3.06 0.38
N CYS B 262 7.10 -2.43 1.31
CA CYS B 262 7.59 -3.02 2.54
C CYS B 262 7.16 -2.10 3.64
N PHE B 263 6.60 -2.70 4.69
CA PHE B 263 6.05 -1.96 5.80
C PHE B 263 6.66 -2.34 7.12
N ARG B 264 7.27 -1.35 7.81
CA ARG B 264 7.92 -1.55 9.13
C ARG B 264 7.60 -0.41 10.09
N SER B 265 7.31 -0.75 11.34
CA SER B 265 7.13 0.26 12.40
C SER B 265 8.33 0.10 13.34
N GLU B 266 9.45 0.73 12.95
CA GLU B 266 10.71 0.73 13.69
C GLU B 266 11.14 2.17 13.94
N ARG B 272 23.08 7.67 12.93
CA ARG B 272 23.08 7.92 11.48
C ARG B 272 21.88 8.77 10.98
N ASP B 273 22.09 9.54 9.89
CA ASP B 273 21.08 10.41 9.28
C ASP B 273 19.93 9.60 8.68
N THR B 274 18.69 9.96 9.05
CA THR B 274 17.49 9.21 8.65
C THR B 274 16.50 10.07 7.85
N ARG B 275 16.91 11.31 7.47
CA ARG B 275 16.09 12.28 6.75
C ARG B 275 15.43 11.71 5.50
N GLY B 276 14.25 12.25 5.20
CA GLY B 276 13.47 11.89 4.04
C GLY B 276 13.22 10.41 3.86
N MET B 277 13.51 9.91 2.67
CA MET B 277 13.28 8.54 2.23
C MET B 277 14.25 7.49 2.74
N ILE B 278 15.32 7.91 3.49
CA ILE B 278 16.27 6.96 4.07
C ILE B 278 15.52 6.02 5.03
N ARG B 279 14.63 6.56 5.86
CA ARG B 279 13.83 5.75 6.78
C ARG B 279 12.35 6.08 6.58
N GLN B 280 11.55 5.04 6.34
CA GLN B 280 10.12 5.17 6.01
C GLN B 280 9.34 3.98 6.56
N HIS B 281 8.04 4.18 6.83
CA HIS B 281 7.12 3.12 7.30
C HIS B 281 6.70 2.29 6.14
N GLN B 282 6.82 2.87 4.93
CA GLN B 282 6.54 2.24 3.66
C GLN B 282 7.62 2.59 2.66
N PHE B 283 8.19 1.57 2.02
CA PHE B 283 9.16 1.74 0.95
C PHE B 283 9.06 0.58 -0.01
N ASP B 284 9.47 0.80 -1.25
CA ASP B 284 9.48 -0.24 -2.26
C ASP B 284 10.84 -0.92 -2.23
N LYS B 285 10.83 -2.24 -2.41
CA LYS B 285 12.06 -3.00 -2.50
C LYS B 285 11.93 -4.15 -3.52
N VAL B 286 12.95 -4.31 -4.33
CA VAL B 286 13.06 -5.40 -5.33
C VAL B 286 13.88 -6.45 -4.62
N GLU B 287 13.20 -7.52 -4.19
CA GLU B 287 13.77 -8.61 -3.41
C GLU B 287 14.17 -9.83 -4.25
N MET B 288 15.35 -10.39 -3.96
CA MET B 288 15.79 -11.65 -4.57
C MET B 288 15.85 -12.70 -3.46
N VAL B 289 15.27 -13.88 -3.72
CA VAL B 289 15.20 -15.02 -2.79
C VAL B 289 15.67 -16.28 -3.52
N GLN B 290 16.48 -17.12 -2.83
CA GLN B 290 16.96 -18.36 -3.42
C GLN B 290 16.67 -19.53 -2.51
N ILE B 291 16.20 -20.65 -3.09
CA ILE B 291 15.93 -21.94 -2.41
C ILE B 291 16.94 -22.86 -3.08
N VAL B 292 17.96 -23.28 -2.34
CA VAL B 292 19.09 -24.01 -2.93
C VAL B 292 19.43 -25.32 -2.22
N ASP B 293 20.25 -26.13 -2.92
CA ASP B 293 20.88 -27.36 -2.48
C ASP B 293 21.83 -26.92 -1.34
N PRO B 294 21.73 -27.48 -0.11
CA PRO B 294 22.59 -27.03 1.00
C PRO B 294 24.09 -26.95 0.69
N ALA B 295 24.60 -27.86 -0.15
CA ALA B 295 26.01 -27.90 -0.55
C ALA B 295 26.50 -26.65 -1.33
N THR B 296 25.58 -25.91 -1.99
CA THR B 296 25.90 -24.76 -2.86
C THR B 296 25.63 -23.36 -2.24
N SER B 297 25.10 -23.29 -1.00
CA SER B 297 24.59 -22.05 -0.42
C SER B 297 25.62 -20.93 -0.22
N TYR B 298 26.89 -21.24 0.11
CA TYR B 298 27.90 -20.18 0.31
C TYR B 298 28.43 -19.65 -1.02
N GLU B 299 28.39 -20.45 -2.10
CA GLU B 299 28.72 -19.98 -3.44
C GLU B 299 27.51 -19.19 -3.93
N ALA B 300 26.28 -19.65 -3.60
CA ALA B 300 25.04 -18.93 -3.96
C ALA B 300 24.96 -17.51 -3.33
N LEU B 301 25.52 -17.29 -2.12
CA LEU B 301 25.55 -15.98 -1.47
C LEU B 301 26.42 -14.99 -2.25
N GLU B 302 27.56 -15.45 -2.74
CA GLU B 302 28.49 -14.67 -3.56
C GLU B 302 27.80 -14.23 -4.86
N GLY B 303 27.07 -15.16 -5.48
CA GLY B 303 26.30 -14.89 -6.70
C GLY B 303 25.16 -13.90 -6.46
N LEU B 304 24.43 -14.08 -5.33
CA LEU B 304 23.33 -13.19 -4.90
C LEU B 304 23.85 -11.76 -4.65
N THR B 305 24.99 -11.64 -3.92
CA THR B 305 25.63 -10.35 -3.64
C THR B 305 26.05 -9.64 -4.97
N ALA B 306 26.59 -10.41 -5.96
CA ALA B 306 26.98 -9.90 -7.29
C ALA B 306 25.77 -9.39 -8.07
N ASN B 307 24.59 -10.02 -7.87
CA ASN B 307 23.31 -9.66 -8.54
C ASN B 307 22.86 -8.30 -8.07
N ALA B 308 22.93 -8.06 -6.74
CA ALA B 308 22.58 -6.80 -6.10
C ALA B 308 23.57 -5.71 -6.56
N GLU B 309 24.88 -6.01 -6.52
CA GLU B 309 25.96 -5.12 -6.91
C GLU B 309 25.82 -4.60 -8.36
N ARG B 310 25.39 -5.47 -9.27
CA ARG B 310 25.17 -5.20 -10.71
C ARG B 310 24.21 -4.03 -10.94
N VAL B 311 23.16 -3.93 -10.11
CA VAL B 311 22.21 -2.83 -10.19
C VAL B 311 22.96 -1.49 -9.95
N LEU B 312 23.86 -1.48 -8.93
CA LEU B 312 24.64 -0.29 -8.58
C LEU B 312 25.68 0.07 -9.64
N GLN B 313 26.31 -0.96 -10.25
CA GLN B 313 27.29 -0.81 -11.33
C GLN B 313 26.64 -0.20 -12.58
N LEU B 314 25.51 -0.77 -12.99
CA LEU B 314 24.81 -0.29 -14.18
C LEU B 314 24.25 1.11 -14.01
N LEU B 315 23.88 1.47 -12.76
CA LEU B 315 23.43 2.82 -12.42
C LEU B 315 24.63 3.75 -12.23
N GLU B 316 25.86 3.17 -12.21
CA GLU B 316 27.14 3.88 -12.03
C GLU B 316 27.17 4.60 -10.67
N LEU B 317 26.73 3.90 -9.63
CA LEU B 317 26.69 4.43 -8.27
C LEU B 317 27.81 3.82 -7.43
N PRO B 318 28.84 4.62 -7.03
CA PRO B 318 29.93 4.05 -6.22
C PRO B 318 29.42 3.44 -4.91
N TYR B 319 30.03 2.33 -4.50
CA TYR B 319 29.57 1.62 -3.31
C TYR B 319 30.70 0.80 -2.65
N ARG B 320 30.38 0.14 -1.54
CA ARG B 320 31.25 -0.76 -0.83
C ARG B 320 30.44 -1.93 -0.31
N VAL B 321 31.13 -3.06 -0.09
CA VAL B 321 30.57 -4.31 0.39
C VAL B 321 31.15 -4.55 1.77
N LEU B 322 30.28 -4.77 2.73
CA LEU B 322 30.66 -5.02 4.11
C LEU B 322 30.27 -6.40 4.53
N ALA B 323 31.22 -7.19 5.05
CA ALA B 323 30.94 -8.49 5.61
C ALA B 323 30.58 -8.20 7.07
N LEU B 324 29.30 -8.37 7.46
CA LEU B 324 28.86 -8.09 8.83
C LEU B 324 29.50 -9.03 9.83
N CYS B 325 29.93 -8.51 10.97
CA CYS B 325 30.53 -9.33 12.04
C CYS B 325 29.40 -10.06 12.83
N THR B 326 29.77 -11.03 13.70
CA THR B 326 28.84 -11.85 14.48
C THR B 326 27.86 -11.04 15.35
N GLY B 327 28.31 -9.89 15.85
CA GLY B 327 27.51 -9.02 16.72
C GLY B 327 26.61 -8.01 16.02
N ASP B 328 26.62 -7.98 14.68
CA ASP B 328 25.82 -7.04 13.90
C ASP B 328 24.96 -7.76 12.84
N MET B 329 24.84 -9.07 12.96
CA MET B 329 24.07 -9.87 12.02
C MET B 329 22.60 -9.97 12.40
N GLY B 330 21.75 -10.14 11.39
CA GLY B 330 20.31 -10.35 11.58
C GLY B 330 20.02 -11.73 12.12
N PHE B 331 19.04 -11.85 13.01
CA PHE B 331 18.57 -13.06 13.69
C PHE B 331 18.65 -14.39 12.89
N GLY B 332 18.10 -14.39 11.68
CA GLY B 332 18.00 -15.57 10.82
C GLY B 332 19.16 -15.85 9.88
N SER B 333 20.22 -15.02 9.94
CA SER B 333 21.40 -15.16 9.10
C SER B 333 22.56 -15.96 9.70
N THR B 334 23.31 -16.68 8.82
CA THR B 334 24.57 -17.37 9.13
C THR B 334 25.74 -16.52 8.62
N LYS B 335 25.51 -15.69 7.57
CA LYS B 335 26.51 -14.84 6.90
C LYS B 335 25.77 -13.79 6.10
N THR B 336 26.23 -12.54 6.21
CA THR B 336 25.64 -11.38 5.55
C THR B 336 26.68 -10.43 4.99
N TYR B 337 26.38 -9.90 3.81
CA TYR B 337 27.10 -8.86 3.11
C TYR B 337 26.12 -7.72 2.95
N ASP B 338 26.53 -6.51 3.36
CA ASP B 338 25.73 -5.31 3.18
C ASP B 338 26.33 -4.49 2.06
N LEU B 339 25.47 -3.94 1.18
CA LEU B 339 25.97 -3.02 0.17
C LEU B 339 25.66 -1.62 0.72
N GLU B 340 26.64 -0.74 0.68
CA GLU B 340 26.53 0.63 1.15
C GLU B 340 26.91 1.55 0.01
N VAL B 341 25.93 2.30 -0.51
CA VAL B 341 26.08 3.23 -1.63
C VAL B 341 26.64 4.58 -1.14
N TRP B 342 27.39 5.26 -2.01
CA TRP B 342 27.94 6.58 -1.73
C TRP B 342 26.83 7.63 -1.63
N VAL B 343 26.82 8.39 -0.54
CA VAL B 343 25.81 9.43 -0.34
C VAL B 343 26.56 10.78 -0.25
N PRO B 344 26.64 11.56 -1.35
CA PRO B 344 27.40 12.84 -1.33
C PRO B 344 27.13 13.80 -0.18
N SER B 345 25.85 14.05 0.18
CA SER B 345 25.48 14.99 1.26
C SER B 345 25.99 14.57 2.65
N GLN B 346 26.22 13.27 2.85
CA GLN B 346 26.69 12.72 4.11
C GLN B 346 28.19 12.46 4.10
N ASP B 347 28.82 12.48 2.89
CA ASP B 347 30.25 12.23 2.66
C ASP B 347 30.67 10.87 3.25
N LYS B 348 29.82 9.85 3.03
CA LYS B 348 30.03 8.51 3.53
C LYS B 348 29.17 7.49 2.77
N TYR B 349 29.47 6.20 2.96
CA TYR B 349 28.66 5.15 2.35
C TYR B 349 27.50 4.81 3.27
N ARG B 350 26.29 4.62 2.70
CA ARG B 350 25.08 4.26 3.44
C ARG B 350 24.40 2.99 2.90
N GLU B 351 23.96 2.11 3.81
CA GLU B 351 23.32 0.82 3.48
C GLU B 351 22.16 0.99 2.50
N ILE B 352 22.12 0.12 1.48
CA ILE B 352 21.11 0.09 0.43
C ILE B 352 20.63 -1.36 0.19
N SER B 353 21.36 -2.35 0.73
CA SER B 353 21.04 -3.77 0.52
C SER B 353 21.68 -4.65 1.58
N SER B 354 21.02 -5.76 1.91
CA SER B 354 21.48 -6.75 2.83
C SER B 354 21.31 -8.09 2.14
N CYS B 355 22.41 -8.81 1.89
CA CYS B 355 22.36 -10.11 1.22
C CYS B 355 22.78 -11.18 2.23
N SER B 356 21.92 -12.17 2.46
CA SER B 356 22.17 -13.19 3.49
C SER B 356 21.97 -14.62 3.06
N ASN B 357 22.73 -15.52 3.69
CA ASN B 357 22.56 -16.95 3.61
C ASN B 357 21.99 -17.31 5.00
N CYS B 358 20.83 -17.96 5.02
CA CYS B 358 20.11 -18.38 6.23
C CYS B 358 20.35 -19.85 6.53
N GLY B 359 21.09 -20.57 5.67
CA GLY B 359 21.36 -21.99 5.82
C GLY B 359 20.05 -22.75 5.90
N ASP B 360 19.91 -23.71 6.81
CA ASP B 360 18.68 -24.49 7.01
C ASP B 360 17.75 -23.91 8.09
N PHE B 361 18.03 -22.71 8.61
CA PHE B 361 17.28 -22.07 9.70
C PHE B 361 15.78 -21.82 9.39
N GLN B 362 15.49 -21.15 8.27
CA GLN B 362 14.10 -20.87 7.87
C GLN B 362 13.46 -22.16 7.32
N ALA B 363 14.24 -22.98 6.57
CA ALA B 363 13.78 -24.28 6.06
C ALA B 363 13.28 -25.15 7.20
N ARG B 364 13.96 -25.13 8.38
CA ARG B 364 13.55 -25.93 9.55
C ARG B 364 12.19 -25.48 10.06
N ARG B 365 11.98 -24.15 10.12
CA ARG B 365 10.72 -23.57 10.59
C ARG B 365 9.57 -23.84 9.62
N MET B 366 9.85 -23.81 8.31
CA MET B 366 8.87 -24.02 7.21
C MET B 366 8.69 -25.50 6.82
N GLN B 367 9.61 -26.39 7.25
CA GLN B 367 9.64 -27.81 6.85
C GLN B 367 9.71 -27.89 5.30
N ALA B 368 10.60 -27.05 4.74
CA ALA B 368 10.88 -26.90 3.32
C ALA B 368 12.04 -27.85 3.02
N ARG B 369 11.74 -28.92 2.29
CA ARG B 369 12.72 -29.96 1.99
C ARG B 369 12.84 -30.21 0.48
N TYR B 370 13.79 -31.06 0.11
CA TYR B 370 14.04 -31.55 -1.26
C TYR B 370 14.49 -33.01 -1.16
N ARG B 371 14.22 -33.82 -2.19
CA ARG B 371 14.62 -35.24 -2.17
C ARG B 371 16.08 -35.33 -2.63
N ASN B 372 17.01 -35.66 -1.69
CA ASN B 372 18.46 -35.78 -1.95
C ASN B 372 18.75 -36.96 -2.92
N PRO B 373 19.40 -36.66 -4.08
CA PRO B 373 19.67 -37.74 -5.06
C PRO B 373 20.66 -38.82 -4.63
N GLU B 374 21.59 -38.48 -3.71
CA GLU B 374 22.61 -39.43 -3.21
C GLU B 374 21.96 -40.46 -2.25
N THR B 375 21.29 -39.96 -1.19
CA THR B 375 20.69 -40.72 -0.10
C THR B 375 19.21 -41.19 -0.32
N GLY B 376 18.37 -40.35 -0.95
CA GLY B 376 16.96 -40.66 -1.17
C GLY B 376 16.05 -39.99 -0.16
N LYS B 377 16.64 -39.61 1.01
CA LYS B 377 15.98 -38.97 2.14
C LYS B 377 15.58 -37.53 1.84
N PRO B 378 14.40 -37.07 2.34
CA PRO B 378 14.03 -35.65 2.19
C PRO B 378 14.82 -34.86 3.24
N GLU B 379 15.69 -33.97 2.75
CA GLU B 379 16.60 -33.16 3.55
C GLU B 379 16.20 -31.69 3.49
N LEU B 380 16.50 -30.89 4.53
CA LEU B 380 16.18 -29.47 4.50
C LEU B 380 16.97 -28.75 3.37
N VAL B 381 16.34 -27.79 2.74
CA VAL B 381 16.95 -26.93 1.71
C VAL B 381 17.67 -25.80 2.47
N HIS B 382 18.41 -24.97 1.74
CA HIS B 382 19.00 -23.78 2.35
C HIS B 382 18.31 -22.61 1.68
N THR B 383 18.18 -21.48 2.38
CA THR B 383 17.51 -20.29 1.83
C THR B 383 18.41 -19.09 1.93
N LEU B 384 18.23 -18.14 1.01
CA LEU B 384 19.00 -16.89 0.94
C LEU B 384 18.08 -15.80 0.45
N ASN B 385 18.37 -14.57 0.83
CA ASN B 385 17.61 -13.42 0.37
C ASN B 385 18.54 -12.23 0.32
N GLY B 386 18.23 -11.26 -0.54
CA GLY B 386 19.02 -10.04 -0.66
C GLY B 386 18.27 -8.97 -1.40
N SER B 387 18.45 -7.71 -0.99
CA SER B 387 17.81 -6.58 -1.69
C SER B 387 18.53 -6.34 -3.01
N GLY B 388 17.77 -6.14 -4.07
CA GLY B 388 18.39 -5.84 -5.35
C GLY B 388 17.61 -4.83 -6.14
N LEU B 389 17.26 -3.65 -5.56
CA LEU B 389 17.63 -3.07 -4.25
C LEU B 389 16.40 -2.47 -3.55
N ALA B 390 16.61 -1.75 -2.44
CA ALA B 390 15.63 -0.94 -1.73
C ALA B 390 15.51 0.26 -2.69
N VAL B 391 14.31 0.46 -3.30
CA VAL B 391 14.07 1.43 -4.38
C VAL B 391 14.14 2.88 -3.89
N GLY B 392 13.54 3.18 -2.73
CA GLY B 392 13.58 4.50 -2.15
C GLY B 392 15.00 4.99 -1.90
N ARG B 393 15.84 4.11 -1.32
CA ARG B 393 17.25 4.45 -1.07
C ARG B 393 18.09 4.54 -2.34
N THR B 394 17.68 3.84 -3.43
CA THR B 394 18.37 3.95 -4.72
C THR B 394 18.05 5.33 -5.28
N LEU B 395 16.77 5.79 -5.13
CA LEU B 395 16.33 7.12 -5.56
C LEU B 395 17.11 8.26 -4.89
N VAL B 396 17.35 8.15 -3.57
CA VAL B 396 18.15 9.09 -2.77
C VAL B 396 19.53 9.19 -3.40
N ALA B 397 20.15 8.01 -3.64
CA ALA B 397 21.48 7.88 -4.22
C ALA B 397 21.54 8.44 -5.64
N VAL B 398 20.47 8.24 -6.45
CA VAL B 398 20.41 8.73 -7.83
C VAL B 398 20.29 10.25 -7.83
N LEU B 399 19.37 10.83 -7.03
CA LEU B 399 19.18 12.28 -6.93
C LEU B 399 20.47 12.99 -6.55
N GLU B 400 21.15 12.47 -5.51
CA GLU B 400 22.36 13.08 -4.96
C GLU B 400 23.61 12.94 -5.82
N ASN B 401 23.89 11.74 -6.34
CA ASN B 401 25.07 11.50 -7.15
C ASN B 401 24.96 12.08 -8.54
N TYR B 402 23.74 12.22 -9.06
CA TYR B 402 23.49 12.74 -10.41
C TYR B 402 23.10 14.22 -10.47
N GLN B 403 23.09 14.93 -9.31
CA GLN B 403 22.73 16.35 -9.26
C GLN B 403 23.73 17.22 -10.03
N GLN B 404 23.27 18.40 -10.47
CA GLN B 404 24.10 19.35 -11.22
C GLN B 404 24.08 20.70 -10.49
N ALA B 405 24.97 21.63 -10.87
CA ALA B 405 25.09 22.97 -10.24
C ALA B 405 23.76 23.70 -10.01
N ASP B 406 22.88 23.76 -11.04
CA ASP B 406 21.58 24.43 -11.00
C ASP B 406 20.48 23.68 -10.23
N GLY B 407 20.83 22.61 -9.51
CA GLY B 407 19.88 21.81 -8.74
C GLY B 407 19.13 20.77 -9.55
N SER B 408 19.38 20.71 -10.88
CA SER B 408 18.77 19.74 -11.76
C SER B 408 19.43 18.38 -11.55
N ILE B 409 18.78 17.31 -12.01
CA ILE B 409 19.28 15.95 -11.85
C ILE B 409 19.39 15.29 -13.23
N ARG B 410 20.59 14.78 -13.56
CA ARG B 410 20.80 14.08 -14.81
C ARG B 410 20.28 12.65 -14.66
N VAL B 411 19.51 12.18 -15.65
CA VAL B 411 18.92 10.85 -15.63
C VAL B 411 20.00 9.79 -15.91
N PRO B 412 20.16 8.75 -15.05
CA PRO B 412 21.15 7.70 -15.34
C PRO B 412 20.89 7.03 -16.70
N GLU B 413 21.97 6.73 -17.44
CA GLU B 413 21.92 6.13 -18.78
C GLU B 413 20.92 4.96 -18.92
N VAL B 414 20.98 3.96 -18.02
CA VAL B 414 20.11 2.77 -18.05
C VAL B 414 18.64 3.09 -17.78
N LEU B 415 18.35 4.29 -17.24
CA LEU B 415 16.98 4.71 -16.87
C LEU B 415 16.30 5.56 -17.95
N LYS B 416 17.08 6.10 -18.88
CA LYS B 416 16.62 6.90 -20.02
C LYS B 416 15.53 6.16 -20.87
N PRO B 417 15.60 4.80 -21.12
CA PRO B 417 14.51 4.15 -21.87
C PRO B 417 13.14 4.10 -21.16
N TYR B 418 13.12 4.35 -19.85
CA TYR B 418 11.91 4.34 -19.02
C TYR B 418 11.41 5.77 -18.72
N MET B 419 12.17 6.82 -19.12
CA MET B 419 11.85 8.20 -18.73
C MET B 419 11.17 9.07 -19.79
N ALA B 420 10.56 8.43 -20.83
CA ALA B 420 9.80 9.11 -21.88
C ALA B 420 10.46 10.40 -22.46
N GLY B 421 11.74 10.31 -22.78
CA GLY B 421 12.48 11.41 -23.38
C GLY B 421 13.18 12.33 -22.40
N ILE B 422 12.76 12.31 -21.11
CA ILE B 422 13.38 13.12 -20.05
C ILE B 422 14.80 12.60 -19.80
N GLU B 423 15.79 13.51 -19.90
CA GLU B 423 17.21 13.20 -19.69
C GLU B 423 17.78 14.03 -18.55
N VAL B 424 17.11 15.14 -18.22
CA VAL B 424 17.46 16.07 -17.14
C VAL B 424 16.17 16.40 -16.45
N ILE B 425 16.10 16.12 -15.13
CA ILE B 425 14.96 16.39 -14.26
C ILE B 425 15.08 17.80 -13.71
N GLY B 426 14.16 18.67 -14.12
CA GLY B 426 14.12 20.06 -13.71
C GLY B 426 15.27 20.88 -14.34
C1 EDO C . -8.98 -11.04 -28.24
O1 EDO C . -8.97 -9.67 -28.63
C2 EDO C . -10.31 -11.66 -28.68
O2 EDO C . -11.37 -10.79 -28.32
C1 EDO D . -3.38 -8.28 -8.27
O1 EDO D . -4.01 -7.30 -9.09
C2 EDO D . -4.13 -9.63 -8.38
O2 EDO D . -5.34 -9.59 -7.65
C1 EDO E . -14.39 3.20 -3.76
O1 EDO E . -14.48 4.60 -3.95
C2 EDO E . -14.57 2.83 -2.28
O2 EDO E . -13.46 3.24 -1.51
C3U FZT F . -10.39 -7.39 -7.40
N3 FZT F . -11.35 -6.29 -7.29
C4 FZT F . -12.16 -6.21 -6.14
O4 FZT F . -12.13 -7.11 -5.32
C5 FZT F . -13.06 -5.08 -6.08
C6 FZT F . -13.12 -4.21 -7.09
N1 FZT F . -12.32 -4.34 -8.21
C1' FZT F . -12.39 -3.38 -9.32
O4' FZT F . -12.06 -2.09 -8.82
C4' FZT F . -12.79 -1.13 -9.60
C5' FZT F . -12.82 0.21 -8.91
O5' FZT F . -13.49 0.05 -7.60
S FZT F . -14.77 0.94 -7.22
O1S FZT F . -14.90 0.77 -5.81
O2S FZT F . -15.81 0.52 -8.09
N3S FZT F . -14.35 2.44 -7.55
C FZT F . -13.16 3.04 -7.08
O FZT F . -12.41 2.37 -6.37
CA FZT F . -12.82 4.46 -7.53
N FZT F . -11.56 4.91 -6.92
CB FZT F . -12.64 4.47 -9.05
OG FZT F . -11.73 3.46 -9.44
C3' FZT F . -14.13 -1.80 -9.84
O3' FZT F . -14.70 -1.28 -11.03
C2' FZT F . -13.76 -3.28 -10.01
O2' FZT F . -13.64 -3.64 -11.37
C2 FZT F . -11.39 -5.37 -8.35
O2 FZT F . -10.62 -5.45 -9.29
NA NA G . -18.30 0.04 -9.17
C1 EDO H . 28.47 10.06 -10.10
O1 EDO H . 29.17 9.00 -9.44
C2 EDO H . 27.28 9.47 -10.85
O2 EDO H . 27.73 8.32 -11.54
C1 EDO I . 39.36 -3.12 2.75
O1 EDO I . 40.33 -2.08 2.72
C2 EDO I . 38.87 -3.54 1.32
O2 EDO I . 38.39 -2.45 0.53
C1 EDO J . 9.73 5.74 -1.15
O1 EDO J . 10.10 5.44 0.18
C2 EDO J . 9.16 4.46 -1.84
O2 EDO J . 10.18 3.49 -2.06
C3U FZT K . 13.52 3.05 3.65
N3 FZT K . 14.18 1.91 4.30
C4 FZT K . 13.89 1.64 5.64
O4 FZT K . 13.16 2.42 6.26
C5 FZT K . 14.49 0.45 6.19
C6 FZT K . 15.28 -0.33 5.44
N1 FZT K . 15.56 0.00 4.11
C1' FZT K . 16.48 -0.82 3.30
O4' FZT K . 15.97 -2.13 3.19
C4' FZT K . 17.08 -3.01 3.00
C5' FZT K . 16.66 -4.43 3.26
O5' FZT K . 16.15 -4.51 4.63
S FZT K . 16.83 -5.54 5.65
O1S FZT K . 15.92 -5.65 6.74
O2S FZT K . 18.17 -5.12 5.86
N3S FZT K . 16.87 -6.93 4.88
C FZT K . 15.75 -7.56 4.29
O FZT K . 14.63 -7.06 4.41
CA FZT K . 16.00 -8.85 3.54
N FZT K . 14.74 -9.49 3.10
CB FZT K . 16.93 -8.59 2.35
OG FZT K . 16.43 -7.54 1.52
C3' FZT K . 18.12 -2.45 3.96
O3' FZT K . 19.42 -2.86 3.55
C2' FZT K . 17.94 -0.94 3.82
O2' FZT K . 18.85 -0.45 2.85
C2 FZT K . 15.02 1.11 3.49
O2 FZT K . 15.21 1.38 2.32
NA NA L . 20.34 -4.75 7.07
#